data_4PKC
#
_entry.id   4PKC
#
_cell.length_a   154.864
_cell.length_b   154.864
_cell.length_c   82.171
_cell.angle_alpha   90.00
_cell.angle_beta   90.00
_cell.angle_gamma   90.00
#
_symmetry.space_group_name_H-M   'P 43 21 2'
#
loop_
_entity.id
_entity.type
_entity.pdbx_description
1 polymer TutD
2 polymer TutF
3 non-polymer 'CHLORIDE ION'
4 non-polymer GLYCEROL
5 water water
#
loop_
_entity_poly.entity_id
_entity_poly.type
_entity_poly.pdbx_seq_one_letter_code
_entity_poly.pdbx_strand_id
1 'polypeptide(L)'
;MNDIVSAKVLEYKGKKLNFTPEDPAEETIPADELHEHLQKPSTARTKRLKERCRWKHASAGEFIEKSVTAGIERMRYLTE
AHKASEGKPEAIRRALGLANVLNKSTLVLQEDEFIVGYHAEDPNMFPLYPELSHMAVQDYLRSDYSPQPADEAAAINEYW
KPHSLQSKCQPYFDPADLGRMYQVSSMEAPSFASGYNSIVPPYETVLEDGLLARIKLAEKHIAEAQADMSTFPWNGTKGL
DNIAKIDNWKAMVIACKAVISWARRQGRLCKIVAENFETDPKRQAELLEIADICQRIPAEPCKGLKDAMQAKFFTFLICH
AIERYASGYAQKEDTLLWPYYKASVVDKKFQPMSHMDAVELVEMERLKISEHGAGKSRAYREIFPGSNDLFILTVGGTNA
KGEDACNDMTDAILEAAKRIRTAEPSIVFRYSKKNREKTLRWVFECIRDGLGYPSIKHDEIGTEQMKEYAKFSLNGNGAT
DEEAHNWVNVLCMSPGIHGRRKTQKTRSEGGGSIFPAKLLEISLNDGYDWSYADMQLGPKTGDLSSLKSFEDVWEAFRKQ
YQYAINLCISTKDVSRYFEQRFLQMPFVSAIDDGCMELGMDACALSEQPNGWHNPITTIVAANSLVAIKKLVFEEKKYTL
EQLSQALKANWEGFEEMRVDFKRAPKWGNDDDYADGIITRFYEEIIGGEMRKITNYSGGPVMPTGQAVGLYMEVGSRTGP
TPDGRFGGEAADDGGISPYMGTDKKGPTAVLRSVSKVQKNQKGNLLNQRLSVPIMRSKHGFEIWNSYIKTWHDLNIDHVQ
FNVVSTDEMRAAQREPEKHHDLIVRVSGYSARFVDIPTYGQNTIIARQEQDFSASDLEFLNVEISGTGSGSSHHHHHH
;
A
2 'polypeptide(L)' MGTTTCKQCANFFPVPKDADDYEAGKADCVREKEDEKGKYWLSKPIFENSAQCEAFQTKR C
#
# COMPACT_ATOMS: atom_id res chain seq x y z
N LEU A 17 -12.96 -27.56 -26.56
CA LEU A 17 -12.09 -27.32 -27.70
C LEU A 17 -12.43 -25.99 -28.38
N ASN A 18 -13.69 -25.61 -28.31
CA ASN A 18 -14.15 -24.36 -28.91
C ASN A 18 -14.14 -23.22 -27.90
N PHE A 19 -13.54 -22.09 -28.28
CA PHE A 19 -13.39 -20.97 -27.37
C PHE A 19 -14.46 -19.91 -27.57
N THR A 20 -15.72 -20.32 -27.52
CA THR A 20 -16.84 -19.40 -27.57
C THR A 20 -17.07 -18.80 -26.18
N PRO A 21 -17.49 -17.53 -26.12
CA PRO A 21 -17.81 -16.90 -24.83
C PRO A 21 -18.85 -17.68 -24.04
N GLU A 22 -18.59 -17.88 -22.74
CA GLU A 22 -19.51 -18.60 -21.87
C GLU A 22 -20.87 -17.93 -21.86
N ASP A 23 -20.88 -16.61 -21.93
CA ASP A 23 -22.11 -15.86 -22.07
C ASP A 23 -22.38 -15.56 -23.54
N PRO A 24 -23.49 -16.09 -24.08
CA PRO A 24 -23.88 -15.91 -25.47
C PRO A 24 -24.10 -14.44 -25.85
N ALA A 25 -24.24 -13.58 -24.84
CA ALA A 25 -24.45 -12.14 -25.08
C ALA A 25 -23.16 -11.48 -25.53
N GLU A 26 -22.03 -12.08 -25.20
CA GLU A 26 -20.72 -11.54 -25.57
C GLU A 26 -20.36 -11.87 -27.01
N GLU A 27 -21.13 -12.77 -27.62
CA GLU A 27 -20.90 -13.18 -29.00
C GLU A 27 -21.10 -12.00 -29.96
N THR A 28 -22.04 -11.12 -29.62
CA THR A 28 -22.38 -9.98 -30.46
C THR A 28 -21.64 -8.71 -30.04
N ILE A 29 -21.14 -8.70 -28.81
CA ILE A 29 -20.41 -7.54 -28.30
C ILE A 29 -19.03 -7.44 -28.92
N PRO A 30 -18.74 -6.30 -29.57
CA PRO A 30 -17.45 -6.03 -30.21
C PRO A 30 -16.27 -6.20 -29.26
N ALA A 31 -15.23 -6.89 -29.71
CA ALA A 31 -14.10 -7.25 -28.86
C ALA A 31 -13.31 -6.03 -28.39
N ASP A 32 -13.42 -4.93 -29.13
CA ASP A 32 -12.68 -3.72 -28.79
C ASP A 32 -13.41 -2.89 -27.73
N GLU A 33 -14.52 -3.41 -27.24
CA GLU A 33 -15.28 -2.75 -26.19
C GLU A 33 -15.97 -3.77 -25.28
N LEU A 34 -15.29 -4.88 -25.04
CA LEU A 34 -15.82 -5.95 -24.21
C LEU A 34 -16.02 -5.51 -22.77
N HIS A 35 -15.01 -4.85 -22.22
CA HIS A 35 -15.01 -4.47 -20.81
C HIS A 35 -15.89 -3.27 -20.50
N GLU A 36 -16.61 -2.79 -21.51
CA GLU A 36 -17.55 -1.69 -21.32
C GLU A 36 -18.96 -2.23 -21.06
N HIS A 37 -19.07 -3.56 -21.01
CA HIS A 37 -20.36 -4.21 -20.78
C HIS A 37 -20.26 -5.24 -19.65
N LEU A 38 -19.22 -5.15 -18.84
CA LEU A 38 -18.99 -6.13 -17.78
C LEU A 38 -19.50 -5.66 -16.42
N GLN A 39 -19.46 -4.35 -16.19
CA GLN A 39 -19.89 -3.81 -14.90
C GLN A 39 -21.37 -4.06 -14.65
N LYS A 40 -21.70 -4.44 -13.43
CA LYS A 40 -23.08 -4.76 -13.06
C LYS A 40 -23.34 -4.51 -11.58
N PRO A 41 -23.49 -3.23 -11.19
CA PRO A 41 -23.78 -2.85 -9.80
C PRO A 41 -24.97 -3.59 -9.22
N SER A 42 -24.85 -4.07 -7.98
CA SER A 42 -25.89 -4.87 -7.36
C SER A 42 -27.21 -4.12 -7.22
N THR A 43 -27.12 -2.82 -6.99
CA THR A 43 -28.33 -1.99 -6.85
C THR A 43 -28.23 -0.73 -7.69
N ALA A 44 -29.33 0.02 -7.73
CA ALA A 44 -29.36 1.30 -8.44
C ALA A 44 -28.55 2.33 -7.67
N ARG A 45 -28.51 2.18 -6.36
CA ARG A 45 -27.79 3.12 -5.49
C ARG A 45 -26.30 3.12 -5.79
N THR A 46 -25.70 1.93 -5.82
CA THR A 46 -24.28 1.80 -6.12
C THR A 46 -23.97 2.15 -7.57
N LYS A 47 -24.98 2.03 -8.43
CA LYS A 47 -24.83 2.43 -9.82
C LYS A 47 -24.70 3.95 -9.91
N ARG A 48 -25.53 4.64 -9.13
CA ARG A 48 -25.46 6.10 -9.04
C ARG A 48 -24.16 6.52 -8.40
N LEU A 49 -23.75 5.78 -7.36
CA LEU A 49 -22.56 6.11 -6.58
C LEU A 49 -21.27 5.99 -7.39
N LYS A 50 -21.25 5.09 -8.37
CA LYS A 50 -20.08 4.95 -9.23
C LYS A 50 -20.06 6.06 -10.27
N GLU A 51 -21.24 6.42 -10.75
CA GLU A 51 -21.38 7.48 -11.76
C GLU A 51 -20.97 8.83 -11.19
N ARG A 52 -21.34 9.10 -9.94
CA ARG A 52 -21.04 10.38 -9.32
C ARG A 52 -19.87 10.27 -8.34
N CYS A 53 -19.10 9.20 -8.48
CA CYS A 53 -17.96 8.95 -7.61
C CYS A 53 -16.93 10.07 -7.69
N ARG A 54 -16.55 10.61 -6.54
CA ARG A 54 -15.54 11.65 -6.48
C ARG A 54 -14.14 11.05 -6.54
N TRP A 55 -13.74 10.66 -7.75
CA TRP A 55 -12.45 10.02 -7.98
C TRP A 55 -11.30 10.92 -7.53
N LYS A 56 -10.25 10.30 -7.02
CA LYS A 56 -9.12 11.05 -6.48
C LYS A 56 -7.81 10.66 -7.15
N HIS A 57 -7.89 9.82 -8.18
CA HIS A 57 -6.70 9.38 -8.89
C HIS A 57 -6.14 10.49 -9.76
N ALA A 58 -4.85 10.41 -10.06
CA ALA A 58 -4.17 11.47 -10.79
C ALA A 58 -3.31 10.91 -11.92
N SER A 59 -2.99 11.76 -12.89
CA SER A 59 -2.17 11.36 -14.03
C SER A 59 -1.33 12.54 -14.53
N ALA A 60 -0.07 12.26 -14.85
CA ALA A 60 0.87 13.26 -15.35
C ALA A 60 0.98 14.45 -14.40
N GLY A 61 1.00 14.18 -13.10
CA GLY A 61 1.13 15.21 -12.10
C GLY A 61 -0.10 16.10 -12.00
N GLU A 62 -1.25 15.55 -12.38
CA GLU A 62 -2.49 16.31 -12.35
C GLU A 62 -3.68 15.40 -12.02
N PHE A 63 -4.53 15.86 -11.11
CA PHE A 63 -5.72 15.09 -10.74
C PHE A 63 -6.71 15.02 -11.89
N ILE A 64 -7.38 13.89 -12.02
CA ILE A 64 -8.35 13.68 -13.09
C ILE A 64 -9.58 14.55 -12.89
N GLU A 65 -10.10 14.57 -11.67
CA GLU A 65 -11.23 15.43 -11.34
C GLU A 65 -10.75 16.84 -11.03
N LYS A 66 -11.53 17.83 -11.44
CA LYS A 66 -11.10 19.23 -11.40
C LYS A 66 -11.17 19.85 -10.01
N SER A 67 -12.00 19.30 -9.14
CA SER A 67 -12.25 19.90 -7.83
C SER A 67 -11.28 19.41 -6.76
N VAL A 68 -10.41 18.48 -7.14
CA VAL A 68 -9.47 17.90 -6.18
C VAL A 68 -8.37 18.89 -5.79
N THR A 69 -8.29 19.19 -4.49
CA THR A 69 -7.30 20.11 -3.96
C THR A 69 -7.08 19.82 -2.48
N ALA A 70 -6.04 20.40 -1.90
CA ALA A 70 -5.69 20.10 -0.51
C ALA A 70 -6.51 20.92 0.48
N GLY A 71 -6.80 20.32 1.64
CA GLY A 71 -7.49 21.00 2.71
C GLY A 71 -6.51 21.65 3.66
N ILE A 72 -7.03 22.35 4.67
CA ILE A 72 -6.17 23.09 5.58
C ILE A 72 -6.58 22.91 7.04
N GLU A 73 -7.79 22.38 7.25
CA GLU A 73 -8.32 22.25 8.61
C GLU A 73 -7.44 21.37 9.49
N ARG A 74 -6.88 20.31 8.95
CA ARG A 74 -6.00 19.44 9.72
C ARG A 74 -4.73 20.18 10.10
N MET A 75 -4.13 20.87 9.13
CA MET A 75 -2.93 21.67 9.39
C MET A 75 -3.18 22.72 10.44
N ARG A 76 -4.35 23.35 10.37
CA ARG A 76 -4.71 24.45 11.27
C ARG A 76 -4.92 23.96 12.71
N TYR A 77 -5.73 22.93 12.87
CA TYR A 77 -6.11 22.46 14.20
C TYR A 77 -4.98 21.67 14.87
N LEU A 78 -4.09 21.10 14.06
CA LEU A 78 -2.94 20.39 14.59
C LEU A 78 -1.91 21.40 15.10
N THR A 79 -1.81 22.52 14.40
CA THR A 79 -0.89 23.60 14.77
C THR A 79 -1.36 24.29 16.04
N GLU A 80 -2.65 24.58 16.10
CA GLU A 80 -3.25 25.22 17.27
C GLU A 80 -3.03 24.39 18.53
N ALA A 81 -3.28 23.08 18.41
CA ALA A 81 -3.14 22.17 19.55
C ALA A 81 -1.68 22.06 19.98
N HIS A 82 -0.77 22.05 19.02
CA HIS A 82 0.65 21.90 19.32
C HIS A 82 1.19 23.09 20.10
N LYS A 83 0.75 24.29 19.72
CA LYS A 83 1.15 25.49 20.43
C LYS A 83 0.61 25.49 21.85
N ALA A 84 -0.59 24.94 22.02
CA ALA A 84 -1.26 24.96 23.31
C ALA A 84 -0.81 23.82 24.22
N SER A 85 -0.16 22.82 23.64
CA SER A 85 0.24 21.63 24.39
C SER A 85 1.71 21.65 24.78
N GLU A 86 2.34 22.81 24.67
CA GLU A 86 3.75 22.97 25.02
C GLU A 86 4.03 22.56 26.46
N GLY A 87 5.11 21.82 26.67
CA GLY A 87 5.51 21.38 28.00
C GLY A 87 5.01 20.00 28.35
N LYS A 88 3.84 19.64 27.83
CA LYS A 88 3.23 18.34 28.12
C LYS A 88 4.02 17.20 27.50
N PRO A 89 3.84 15.96 28.01
CA PRO A 89 4.50 14.81 27.41
C PRO A 89 4.09 14.65 25.94
N GLU A 90 5.05 14.34 25.08
CA GLU A 90 4.82 14.29 23.64
C GLU A 90 3.67 13.37 23.24
N ALA A 91 3.55 12.24 23.93
CA ALA A 91 2.48 11.29 23.66
C ALA A 91 1.12 11.94 23.88
N ILE A 92 1.00 12.70 24.96
CA ILE A 92 -0.23 13.40 25.28
C ILE A 92 -0.47 14.55 24.31
N ARG A 93 0.60 15.25 23.92
CA ARG A 93 0.51 16.33 22.94
C ARG A 93 -0.03 15.82 21.62
N ARG A 94 0.39 14.62 21.23
CA ARG A 94 -0.06 13.99 19.99
C ARG A 94 -1.53 13.57 20.08
N ALA A 95 -1.94 13.15 21.28
CA ALA A 95 -3.33 12.80 21.52
C ALA A 95 -4.21 14.04 21.49
N LEU A 96 -3.70 15.12 22.07
CA LEU A 96 -4.42 16.39 22.08
C LEU A 96 -4.48 16.98 20.68
N GLY A 97 -3.45 16.69 19.87
CA GLY A 97 -3.42 17.12 18.49
C GLY A 97 -4.53 16.43 17.70
N LEU A 98 -4.59 15.11 17.81
CA LEU A 98 -5.64 14.34 17.17
C LEU A 98 -7.02 14.78 17.65
N ALA A 99 -7.13 14.99 18.96
CA ALA A 99 -8.39 15.39 19.58
C ALA A 99 -8.89 16.72 18.99
N ASN A 100 -8.01 17.71 18.92
CA ASN A 100 -8.37 19.01 18.39
C ASN A 100 -8.81 18.93 16.94
N VAL A 101 -8.12 18.10 16.17
CA VAL A 101 -8.48 17.88 14.77
C VAL A 101 -9.89 17.30 14.67
N LEU A 102 -10.11 16.21 15.40
CA LEU A 102 -11.41 15.52 15.36
C LEU A 102 -12.55 16.39 15.88
N ASN A 103 -12.30 17.13 16.95
CA ASN A 103 -13.33 17.95 17.58
C ASN A 103 -13.81 19.10 16.71
N LYS A 104 -12.89 19.74 16.01
CA LYS A 104 -13.20 20.97 15.28
C LYS A 104 -13.39 20.76 13.78
N SER A 105 -13.11 19.56 13.29
CA SER A 105 -13.19 19.30 11.85
C SER A 105 -14.60 19.34 11.31
N THR A 106 -14.75 19.95 10.13
CA THR A 106 -16.01 19.90 9.39
C THR A 106 -16.26 18.47 8.92
N LEU A 107 -17.44 17.95 9.23
CA LEU A 107 -17.79 16.58 8.86
C LEU A 107 -18.61 16.56 7.57
N VAL A 108 -18.49 15.47 6.81
CA VAL A 108 -19.11 15.38 5.50
C VAL A 108 -20.09 14.22 5.39
N LEU A 109 -21.29 14.50 4.91
CA LEU A 109 -22.28 13.48 4.60
C LEU A 109 -22.80 13.67 3.18
N GLN A 110 -22.68 12.63 2.36
CA GLN A 110 -23.13 12.70 0.97
C GLN A 110 -24.40 11.90 0.75
N GLU A 111 -25.04 12.11 -0.40
CA GLU A 111 -26.25 11.38 -0.76
C GLU A 111 -25.91 9.94 -1.13
N ASP A 112 -26.90 9.06 -0.97
CA ASP A 112 -26.78 7.63 -1.32
C ASP A 112 -25.73 6.87 -0.50
N GLU A 113 -24.98 7.57 0.34
CA GLU A 113 -23.97 6.94 1.18
C GLU A 113 -24.59 6.16 2.33
N PHE A 114 -24.08 4.96 2.58
CA PHE A 114 -24.43 4.23 3.79
C PHE A 114 -23.21 4.16 4.71
N ILE A 115 -22.06 3.88 4.13
CA ILE A 115 -20.80 3.98 4.84
C ILE A 115 -20.36 5.44 4.81
N VAL A 116 -20.40 6.09 5.97
CA VAL A 116 -20.16 7.53 6.03
C VAL A 116 -18.82 7.88 6.66
N GLY A 117 -18.42 9.13 6.49
CA GLY A 117 -17.19 9.64 7.08
C GLY A 117 -16.21 10.15 6.06
N TYR A 118 -15.36 11.09 6.47
CA TYR A 118 -14.31 11.60 5.62
C TYR A 118 -13.15 12.16 6.44
N HIS A 119 -12.03 12.42 5.77
CA HIS A 119 -10.80 12.83 6.46
C HIS A 119 -10.40 14.27 6.11
N ALA A 120 -11.34 15.06 5.61
CA ALA A 120 -11.10 16.47 5.31
C ALA A 120 -12.38 17.28 5.48
N GLU A 121 -12.28 18.59 5.31
CA GLU A 121 -13.42 19.48 5.48
C GLU A 121 -14.31 19.54 4.24
N ASP A 122 -13.80 18.97 3.16
CA ASP A 122 -14.48 19.01 1.87
C ASP A 122 -14.29 17.68 1.15
N PRO A 123 -15.38 17.09 0.63
CA PRO A 123 -15.35 15.76 0.03
C PRO A 123 -14.44 15.68 -1.20
N ASN A 124 -14.06 16.84 -1.76
CA ASN A 124 -13.16 16.88 -2.90
C ASN A 124 -11.72 17.09 -2.46
N MET A 125 -11.50 17.15 -1.15
CA MET A 125 -10.19 17.52 -0.62
C MET A 125 -9.45 16.39 0.08
N PHE A 126 -8.22 16.70 0.49
CA PHE A 126 -7.36 15.79 1.22
C PHE A 126 -6.47 16.57 2.16
N PRO A 127 -6.29 16.09 3.40
CA PRO A 127 -5.46 16.80 4.38
C PRO A 127 -3.97 16.70 4.09
N LEU A 128 -3.19 17.55 4.75
CA LEU A 128 -1.73 17.52 4.59
C LEU A 128 -1.06 17.25 5.93
N TYR A 129 0.25 17.03 5.90
CA TYR A 129 0.98 16.57 7.08
C TYR A 129 2.30 17.31 7.28
N PRO A 130 2.24 18.52 7.84
CA PRO A 130 3.44 19.32 8.09
C PRO A 130 4.31 18.73 9.20
N GLU A 131 3.74 17.85 10.01
CA GLU A 131 4.48 17.21 11.10
C GLU A 131 5.39 16.10 10.59
N LEU A 132 5.22 15.74 9.32
CA LEU A 132 6.05 14.70 8.71
C LEU A 132 7.20 15.30 7.92
N SER A 133 6.93 15.66 6.67
CA SER A 133 7.96 16.21 5.79
C SER A 133 7.68 17.66 5.41
N HIS A 134 8.65 18.53 5.69
CA HIS A 134 8.53 19.94 5.35
C HIS A 134 8.53 20.14 3.83
N MET A 135 9.37 19.37 3.14
CA MET A 135 9.49 19.47 1.69
C MET A 135 8.20 19.09 0.97
N ALA A 136 7.54 18.05 1.46
CA ALA A 136 6.30 17.56 0.86
C ALA A 136 5.21 18.62 0.87
N VAL A 137 5.03 19.27 2.02
CA VAL A 137 4.03 20.33 2.16
C VAL A 137 4.43 21.53 1.31
N GLN A 138 5.73 21.80 1.25
CA GLN A 138 6.27 22.89 0.47
C GLN A 138 5.91 22.76 -1.01
N ASP A 139 5.95 21.52 -1.52
CA ASP A 139 5.67 21.25 -2.92
C ASP A 139 4.20 21.51 -3.26
N TYR A 140 3.31 21.23 -2.31
CA TYR A 140 1.90 21.50 -2.51
C TYR A 140 1.61 23.00 -2.42
N LEU A 141 2.39 23.70 -1.59
CA LEU A 141 2.27 25.15 -1.49
C LEU A 141 2.66 25.81 -2.81
N ARG A 142 3.56 25.17 -3.55
CA ARG A 142 4.00 25.65 -4.84
C ARG A 142 3.26 24.97 -5.98
N SER A 143 2.01 24.57 -5.72
CA SER A 143 1.22 23.87 -6.72
C SER A 143 -0.16 24.49 -6.89
N ASP A 144 -0.93 23.97 -7.85
CA ASP A 144 -2.29 24.44 -8.10
C ASP A 144 -3.27 23.86 -7.09
N TYR A 145 -2.76 23.05 -6.17
CA TYR A 145 -3.61 22.38 -5.20
C TYR A 145 -3.25 22.76 -3.77
N SER A 146 -2.60 23.91 -3.62
CA SER A 146 -2.22 24.40 -2.30
C SER A 146 -3.44 24.59 -1.40
N PRO A 147 -3.29 24.25 -0.11
CA PRO A 147 -4.35 24.53 0.87
C PRO A 147 -4.63 26.02 0.95
N GLN A 148 -5.88 26.38 1.23
CA GLN A 148 -6.25 27.79 1.31
C GLN A 148 -6.71 28.15 2.72
N PRO A 149 -6.37 29.36 3.18
CA PRO A 149 -5.56 30.39 2.51
C PRO A 149 -4.07 30.03 2.42
N ALA A 150 -3.46 30.32 1.28
CA ALA A 150 -2.09 29.91 1.01
C ALA A 150 -1.07 30.52 1.97
N ASP A 151 -1.34 31.72 2.47
CA ASP A 151 -0.43 32.39 3.38
C ASP A 151 -0.45 31.73 4.76
N GLU A 152 -1.64 31.36 5.22
CA GLU A 152 -1.76 30.69 6.51
C GLU A 152 -1.07 29.32 6.47
N ALA A 153 -1.27 28.60 5.38
CA ALA A 153 -0.66 27.30 5.20
C ALA A 153 0.87 27.41 5.18
N ALA A 154 1.36 28.49 4.56
CA ALA A 154 2.80 28.74 4.52
C ALA A 154 3.34 29.04 5.91
N ALA A 155 2.53 29.74 6.71
CA ALA A 155 2.90 30.05 8.08
C ALA A 155 2.90 28.78 8.92
N ILE A 156 1.96 27.89 8.62
CA ILE A 156 1.84 26.63 9.33
C ILE A 156 3.01 25.70 9.01
N ASN A 157 3.40 25.66 7.75
CA ASN A 157 4.52 24.82 7.33
C ASN A 157 5.84 25.30 7.90
N GLU A 158 5.95 26.60 8.12
CA GLU A 158 7.18 27.19 8.66
C GLU A 158 7.29 26.92 10.16
N TYR A 159 6.15 26.96 10.84
CA TYR A 159 6.09 26.67 12.27
C TYR A 159 6.47 25.21 12.55
N TRP A 160 6.00 24.31 11.70
CA TRP A 160 6.21 22.87 11.91
C TRP A 160 7.59 22.40 11.48
N LYS A 161 8.29 23.23 10.70
CA LYS A 161 9.57 22.84 10.11
C LYS A 161 10.58 22.29 11.13
N PRO A 162 10.83 23.01 12.24
CA PRO A 162 11.82 22.44 13.16
C PRO A 162 11.27 21.26 13.96
N HIS A 163 9.96 21.09 13.97
CA HIS A 163 9.34 19.99 14.71
C HIS A 163 9.06 18.79 13.82
N SER A 164 9.27 18.97 12.52
CA SER A 164 8.97 17.91 11.55
C SER A 164 9.89 16.71 11.75
N LEU A 165 9.39 15.54 11.39
CA LEU A 165 10.15 14.30 11.46
C LEU A 165 11.41 14.39 10.61
N GLN A 166 11.29 15.10 9.48
CA GLN A 166 12.41 15.30 8.57
C GLN A 166 13.56 16.03 9.23
N SER A 167 13.24 17.09 9.98
CA SER A 167 14.26 17.93 10.59
C SER A 167 14.95 17.25 11.78
N LYS A 168 14.30 16.24 12.34
CA LYS A 168 14.84 15.56 13.50
C LYS A 168 15.79 14.42 13.12
N CYS A 169 15.63 13.89 11.91
CA CYS A 169 16.43 12.77 11.46
C CYS A 169 17.68 13.20 10.68
N GLN A 170 17.56 14.33 9.97
CA GLN A 170 18.63 14.82 9.09
C GLN A 170 19.99 15.11 9.76
N PRO A 171 20.02 15.69 10.97
CA PRO A 171 21.34 16.02 11.54
C PRO A 171 22.25 14.82 11.77
N TYR A 172 21.70 13.61 11.82
CA TYR A 172 22.48 12.42 12.12
C TYR A 172 22.88 11.69 10.85
N PHE A 173 22.97 12.43 9.74
CA PHE A 173 23.43 11.89 8.48
C PHE A 173 24.22 12.93 7.71
N ASP A 174 25.28 12.50 7.05
CA ASP A 174 26.06 13.39 6.18
C ASP A 174 25.13 13.93 5.10
N PRO A 175 25.04 15.28 5.01
CA PRO A 175 24.21 15.94 4.00
C PRO A 175 24.54 15.50 2.57
N ALA A 176 25.78 15.05 2.36
CA ALA A 176 26.19 14.51 1.07
C ALA A 176 25.48 13.19 0.80
N ASP A 177 25.35 12.37 1.83
CA ASP A 177 24.69 11.07 1.71
C ASP A 177 23.19 11.23 1.47
N LEU A 178 22.59 12.17 2.17
CA LEU A 178 21.15 12.43 2.03
C LEU A 178 20.83 12.93 0.62
N GLY A 179 21.74 13.74 0.06
CA GLY A 179 21.57 14.24 -1.29
C GLY A 179 21.59 13.12 -2.30
N ARG A 180 22.39 12.10 -2.02
CA ARG A 180 22.47 10.93 -2.89
C ARG A 180 21.18 10.12 -2.85
N MET A 181 20.55 10.09 -1.68
CA MET A 181 19.28 9.37 -1.52
C MET A 181 18.12 10.17 -2.12
N TYR A 182 18.25 11.49 -2.10
CA TYR A 182 17.20 12.36 -2.62
C TYR A 182 17.14 12.36 -4.14
N GLN A 183 18.19 11.84 -4.76
CA GLN A 183 18.22 11.71 -6.21
C GLN A 183 17.29 10.61 -6.68
N VAL A 184 17.04 9.65 -5.78
CA VAL A 184 16.22 8.47 -6.07
C VAL A 184 16.70 7.77 -7.35
N SER A 185 17.93 7.28 -7.30
CA SER A 185 18.52 6.58 -8.45
C SER A 185 19.06 5.23 -8.02
N SER A 186 19.92 5.23 -7.02
CA SER A 186 20.47 3.99 -6.48
C SER A 186 19.76 3.62 -5.18
N MET A 187 19.25 4.63 -4.49
CA MET A 187 18.54 4.44 -3.24
C MET A 187 17.23 5.22 -3.23
N GLU A 188 16.20 4.65 -2.61
CA GLU A 188 14.94 5.36 -2.42
C GLU A 188 15.10 6.35 -1.28
N ALA A 189 14.47 7.53 -1.41
CA ALA A 189 14.54 8.54 -0.37
C ALA A 189 13.97 8.01 0.94
N PRO A 190 14.58 8.39 2.07
CA PRO A 190 14.11 7.95 3.39
C PRO A 190 12.69 8.43 3.67
N SER A 191 11.95 7.66 4.47
CA SER A 191 10.54 7.96 4.72
C SER A 191 10.33 9.26 5.49
N PHE A 192 11.32 9.68 6.27
CA PHE A 192 11.17 10.91 7.04
C PHE A 192 11.25 12.12 6.12
N ALA A 193 11.81 11.93 4.93
CA ALA A 193 11.97 13.02 3.97
C ALA A 193 10.77 13.12 3.03
N SER A 194 10.12 11.99 2.79
CA SER A 194 9.00 11.93 1.86
C SER A 194 7.65 11.98 2.58
N GLY A 195 7.61 11.41 3.79
CA GLY A 195 6.39 11.34 4.55
C GLY A 195 5.60 10.09 4.25
N TYR A 196 6.09 9.30 3.29
CA TYR A 196 5.45 8.06 2.90
C TYR A 196 5.47 7.06 4.04
N ASN A 197 4.40 6.28 4.17
CA ASN A 197 4.24 5.38 5.31
C ASN A 197 3.27 4.25 5.04
N SER A 198 3.38 3.19 5.83
CA SER A 198 2.43 2.07 5.75
C SER A 198 2.09 1.59 7.15
N ILE A 199 0.95 0.92 7.29
CA ILE A 199 0.53 0.39 8.59
C ILE A 199 -0.47 -0.76 8.43
N VAL A 200 -0.44 -1.69 9.38
CA VAL A 200 -1.46 -2.72 9.46
C VAL A 200 -2.28 -2.53 10.73
N PRO A 201 -3.44 -1.87 10.59
CA PRO A 201 -4.30 -1.53 11.73
C PRO A 201 -4.92 -2.74 12.41
N PRO A 202 -4.87 -2.78 13.75
CA PRO A 202 -5.52 -3.83 14.53
C PRO A 202 -7.04 -3.66 14.56
N TYR A 203 -7.69 -3.81 13.41
CA TYR A 203 -9.14 -3.66 13.31
C TYR A 203 -9.89 -4.57 14.28
N GLU A 204 -9.35 -5.76 14.50
CA GLU A 204 -9.99 -6.78 15.33
C GLU A 204 -10.33 -6.27 16.73
N THR A 205 -9.47 -5.43 17.29
CA THR A 205 -9.68 -4.90 18.64
C THR A 205 -10.87 -3.94 18.69
N VAL A 206 -10.97 -3.07 17.69
CA VAL A 206 -12.04 -2.08 17.63
C VAL A 206 -13.41 -2.74 17.51
N LEU A 207 -13.52 -3.67 16.55
CA LEU A 207 -14.79 -4.32 16.26
C LEU A 207 -15.27 -5.21 17.40
N GLU A 208 -14.35 -5.93 18.02
CA GLU A 208 -14.68 -6.86 19.09
C GLU A 208 -14.95 -6.16 20.43
N ASP A 209 -14.09 -5.21 20.78
CA ASP A 209 -14.14 -4.59 22.11
C ASP A 209 -14.86 -3.24 22.13
N GLY A 210 -14.64 -2.42 21.12
CA GLY A 210 -15.16 -1.06 21.12
C GLY A 210 -14.18 -0.15 21.85
N LEU A 211 -14.33 1.16 21.65
CA LEU A 211 -13.36 2.11 22.20
C LEU A 211 -13.56 2.39 23.68
N LEU A 212 -14.81 2.35 24.14
CA LEU A 212 -15.11 2.57 25.56
C LEU A 212 -14.38 1.55 26.44
N ALA A 213 -14.29 0.31 25.97
CA ALA A 213 -13.63 -0.74 26.72
C ALA A 213 -12.13 -0.47 26.82
N ARG A 214 -11.55 0.04 25.74
CA ARG A 214 -10.12 0.35 25.71
C ARG A 214 -9.79 1.48 26.67
N ILE A 215 -10.71 2.44 26.78
CA ILE A 215 -10.56 3.56 27.71
C ILE A 215 -10.56 3.06 29.15
N LYS A 216 -11.50 2.17 29.46
CA LYS A 216 -11.60 1.59 30.80
C LYS A 216 -10.34 0.82 31.18
N LEU A 217 -9.76 0.12 30.21
CA LEU A 217 -8.53 -0.64 30.44
C LEU A 217 -7.37 0.30 30.77
N ALA A 218 -7.24 1.36 29.98
CA ALA A 218 -6.18 2.34 30.17
C ALA A 218 -6.32 3.04 31.51
N GLU A 219 -7.55 3.44 31.84
CA GLU A 219 -7.82 4.13 33.11
C GLU A 219 -7.49 3.24 34.31
N LYS A 220 -7.77 1.95 34.19
CA LYS A 220 -7.47 1.01 35.25
C LYS A 220 -5.95 0.87 35.41
N HIS A 221 -5.25 0.81 34.29
CA HIS A 221 -3.78 0.70 34.30
C HIS A 221 -3.13 1.93 34.92
N ILE A 222 -3.73 3.09 34.68
CA ILE A 222 -3.23 4.34 35.24
C ILE A 222 -3.34 4.34 36.76
N ALA A 223 -4.50 3.93 37.26
CA ALA A 223 -4.76 3.89 38.70
C ALA A 223 -3.82 2.90 39.38
N GLU A 224 -3.49 1.82 38.68
CA GLU A 224 -2.57 0.82 39.21
C GLU A 224 -1.14 1.35 39.24
N ALA A 225 -0.78 2.12 38.22
CA ALA A 225 0.54 2.70 38.12
C ALA A 225 0.74 3.81 39.16
N GLN A 226 -0.30 4.60 39.38
CA GLN A 226 -0.26 5.65 40.38
C GLN A 226 -0.18 5.05 41.79
N ALA A 227 -0.90 3.96 42.00
CA ALA A 227 -0.87 3.25 43.26
C ALA A 227 0.51 2.71 43.56
N ASP A 228 1.19 2.26 42.50
CA ASP A 228 2.54 1.71 42.63
C ASP A 228 3.55 2.80 42.99
N MET A 229 3.39 3.97 42.43
CA MET A 229 4.32 5.07 42.67
C MET A 229 4.20 5.61 44.09
N SER A 230 3.04 5.41 44.70
CA SER A 230 2.83 5.84 46.08
C SER A 230 2.89 4.67 47.05
N THR A 231 3.49 3.57 46.59
CA THR A 231 3.61 2.37 47.41
C THR A 231 4.94 2.32 48.16
N PHE A 232 4.86 2.27 49.48
CA PHE A 232 6.04 2.16 50.32
C PHE A 232 6.52 0.71 50.35
N PRO A 233 7.84 0.49 50.21
CA PRO A 233 8.86 1.53 50.04
C PRO A 233 9.11 1.90 48.58
N TRP A 234 9.48 3.14 48.34
CA TRP A 234 9.77 3.62 46.98
C TRP A 234 11.09 3.08 46.47
N ASN A 235 11.14 2.78 45.17
CA ASN A 235 12.36 2.32 44.53
C ASN A 235 12.62 3.12 43.25
N GLY A 236 13.55 4.07 43.34
CA GLY A 236 13.83 4.99 42.25
C GLY A 236 14.39 4.34 41.00
N THR A 237 14.85 3.09 41.13
CA THR A 237 15.39 2.36 39.99
C THR A 237 14.29 1.64 39.21
N LYS A 238 13.09 1.63 39.77
CA LYS A 238 11.95 0.95 39.15
C LYS A 238 10.73 1.84 39.03
N GLY A 239 10.45 2.60 40.07
CA GLY A 239 9.24 3.39 40.17
C GLY A 239 9.05 4.43 39.07
N LEU A 240 10.15 4.89 38.49
CA LEU A 240 10.09 5.93 37.46
C LEU A 240 9.65 5.37 36.12
N ASP A 241 9.54 4.05 36.02
CA ASP A 241 9.08 3.40 34.79
C ASP A 241 7.60 3.68 34.54
N ASN A 242 6.87 4.02 35.60
CA ASN A 242 5.44 4.26 35.49
C ASN A 242 5.13 5.56 34.76
N ILE A 243 6.10 6.47 34.70
CA ILE A 243 5.90 7.77 34.08
C ILE A 243 5.55 7.66 32.60
N ALA A 244 6.37 6.92 31.84
CA ALA A 244 6.13 6.73 30.42
C ALA A 244 4.84 5.97 30.16
N LYS A 245 4.51 5.04 31.05
CA LYS A 245 3.30 4.24 30.92
C LYS A 245 2.05 5.09 31.13
N ILE A 246 2.04 5.87 32.21
CA ILE A 246 0.92 6.75 32.52
C ILE A 246 0.68 7.76 31.40
N ASP A 247 1.77 8.32 30.89
CA ASP A 247 1.69 9.27 29.77
C ASP A 247 1.05 8.62 28.54
N ASN A 248 1.46 7.39 28.25
CA ASN A 248 0.94 6.67 27.10
C ASN A 248 -0.53 6.31 27.27
N TRP A 249 -0.88 5.78 28.45
CA TRP A 249 -2.25 5.39 28.73
C TRP A 249 -3.19 6.61 28.76
N LYS A 250 -2.70 7.72 29.28
CA LYS A 250 -3.47 8.96 29.28
C LYS A 250 -3.73 9.44 27.86
N ALA A 251 -2.74 9.26 27.00
CA ALA A 251 -2.86 9.67 25.60
C ALA A 251 -3.86 8.77 24.87
N MET A 252 -3.88 7.49 25.24
CA MET A 252 -4.83 6.55 24.65
C MET A 252 -6.26 6.95 24.98
N VAL A 253 -6.49 7.36 26.24
CA VAL A 253 -7.81 7.79 26.67
C VAL A 253 -8.27 9.03 25.92
N ILE A 254 -7.37 10.01 25.81
CA ILE A 254 -7.67 11.25 25.09
C ILE A 254 -7.99 10.97 23.62
N ALA A 255 -7.21 10.10 23.01
CA ALA A 255 -7.40 9.75 21.60
C ALA A 255 -8.72 9.02 21.38
N CYS A 256 -8.98 8.00 22.19
CA CYS A 256 -10.20 7.21 22.06
C CYS A 256 -11.45 8.05 22.30
N LYS A 257 -11.43 8.88 23.34
CA LYS A 257 -12.57 9.74 23.66
C LYS A 257 -12.89 10.69 22.51
N ALA A 258 -11.85 11.09 21.79
CA ALA A 258 -12.02 12.01 20.66
C ALA A 258 -12.66 11.31 19.48
N VAL A 259 -12.24 10.08 19.21
CA VAL A 259 -12.76 9.32 18.07
C VAL A 259 -14.24 8.99 18.27
N ILE A 260 -14.60 8.62 19.50
CA ILE A 260 -15.99 8.33 19.84
C ILE A 260 -16.86 9.56 19.62
N SER A 261 -16.41 10.70 20.14
CA SER A 261 -17.11 11.96 19.99
C SER A 261 -17.21 12.36 18.51
N TRP A 262 -16.13 12.11 17.78
CA TRP A 262 -16.05 12.42 16.35
C TRP A 262 -17.02 11.56 15.54
N ALA A 263 -17.14 10.30 15.93
CA ALA A 263 -18.03 9.36 15.24
C ALA A 263 -19.49 9.68 15.57
N ARG A 264 -19.74 10.10 16.80
CA ARG A 264 -21.09 10.43 17.24
C ARG A 264 -21.55 11.78 16.70
N ARG A 265 -20.60 12.68 16.46
CA ARG A 265 -20.92 13.96 15.84
C ARG A 265 -21.21 13.73 14.36
N GLN A 266 -20.59 12.70 13.79
CA GLN A 266 -20.87 12.29 12.43
C GLN A 266 -22.29 11.74 12.33
N GLY A 267 -22.70 11.00 13.36
CA GLY A 267 -24.04 10.45 13.42
C GLY A 267 -25.08 11.53 13.61
N ARG A 268 -24.73 12.55 14.38
CA ARG A 268 -25.64 13.66 14.64
C ARG A 268 -25.92 14.42 13.36
N LEU A 269 -24.93 14.47 12.47
CA LEU A 269 -25.09 15.08 11.16
C LEU A 269 -26.14 14.34 10.34
N CYS A 270 -26.10 13.01 10.41
CA CYS A 270 -27.05 12.17 9.70
C CYS A 270 -28.47 12.40 10.22
N LYS A 271 -28.60 12.52 11.53
CA LYS A 271 -29.89 12.77 12.15
C LYS A 271 -30.45 14.13 11.76
N ILE A 272 -29.58 15.14 11.75
CA ILE A 272 -29.96 16.50 11.39
C ILE A 272 -30.46 16.57 9.94
N VAL A 273 -29.68 16.00 9.02
CA VAL A 273 -30.03 16.00 7.61
C VAL A 273 -31.33 15.24 7.35
N ALA A 274 -31.53 14.15 8.08
CA ALA A 274 -32.73 13.34 7.94
C ALA A 274 -33.96 14.07 8.50
N GLU A 275 -33.73 15.02 9.38
CA GLU A 275 -34.84 15.73 10.05
C GLU A 275 -35.08 17.14 9.51
N ASN A 276 -34.12 17.67 8.76
CA ASN A 276 -34.21 19.07 8.32
C ASN A 276 -33.88 19.30 6.85
N PHE A 277 -33.28 18.31 6.20
CA PHE A 277 -32.79 18.52 4.84
C PHE A 277 -33.28 17.48 3.84
N GLU A 278 -33.22 16.20 4.22
CA GLU A 278 -33.61 15.12 3.31
C GLU A 278 -35.13 15.10 3.10
N THR A 279 -35.55 14.96 1.85
CA THR A 279 -36.97 14.98 1.51
C THR A 279 -37.53 13.59 1.21
N ASP A 280 -36.64 12.64 0.94
CA ASP A 280 -37.06 11.27 0.64
C ASP A 280 -37.17 10.44 1.91
N PRO A 281 -38.41 10.00 2.23
CA PRO A 281 -38.70 9.22 3.44
C PRO A 281 -37.89 7.92 3.54
N LYS A 282 -37.52 7.36 2.39
CA LYS A 282 -36.68 6.17 2.37
C LYS A 282 -35.29 6.51 2.88
N ARG A 283 -34.71 7.58 2.34
CA ARG A 283 -33.37 8.01 2.74
C ARG A 283 -33.34 8.49 4.18
N GLN A 284 -34.42 9.15 4.60
CA GLN A 284 -34.53 9.65 5.98
C GLN A 284 -34.42 8.52 6.99
N ALA A 285 -35.18 7.44 6.75
CA ALA A 285 -35.15 6.29 7.63
C ALA A 285 -33.78 5.62 7.61
N GLU A 286 -33.13 5.68 6.45
CA GLU A 286 -31.80 5.10 6.29
C GLU A 286 -30.76 5.90 7.07
N LEU A 287 -30.84 7.22 6.97
CA LEU A 287 -29.92 8.10 7.68
C LEU A 287 -30.07 7.95 9.19
N LEU A 288 -31.28 7.61 9.63
CA LEU A 288 -31.53 7.37 11.04
C LEU A 288 -30.89 6.07 11.51
N GLU A 289 -30.85 5.08 10.61
CA GLU A 289 -30.17 3.83 10.89
C GLU A 289 -28.67 4.08 11.01
N ILE A 290 -28.14 4.87 10.09
CA ILE A 290 -26.73 5.23 10.09
C ILE A 290 -26.39 6.03 11.34
N ALA A 291 -27.34 6.87 11.77
CA ALA A 291 -27.15 7.68 12.97
C ALA A 291 -27.01 6.79 14.20
N ASP A 292 -27.83 5.74 14.27
CA ASP A 292 -27.77 4.79 15.38
C ASP A 292 -26.46 4.00 15.36
N ILE A 293 -25.99 3.70 14.16
CA ILE A 293 -24.73 2.97 14.01
C ILE A 293 -23.54 3.80 14.49
N CYS A 294 -23.45 5.03 14.00
CA CYS A 294 -22.36 5.93 14.38
C CYS A 294 -22.38 6.25 15.87
N GLN A 295 -23.57 6.24 16.45
CA GLN A 295 -23.73 6.51 17.87
C GLN A 295 -23.12 5.40 18.73
N ARG A 296 -23.35 4.15 18.35
CA ARG A 296 -22.86 3.00 19.11
C ARG A 296 -21.44 2.61 18.70
N ILE A 297 -21.12 2.84 17.44
CA ILE A 297 -19.87 2.38 16.85
C ILE A 297 -18.96 3.57 16.53
N PRO A 298 -17.67 3.49 16.92
CA PRO A 298 -16.98 2.37 17.56
C PRO A 298 -16.89 2.45 19.08
N ALA A 299 -17.83 3.13 19.73
CA ALA A 299 -17.83 3.20 21.19
C ALA A 299 -18.12 1.81 21.77
N GLU A 300 -19.11 1.14 21.20
CA GLU A 300 -19.52 -0.19 21.65
C GLU A 300 -19.00 -1.26 20.69
N PRO A 301 -18.96 -2.52 21.15
CA PRO A 301 -18.59 -3.62 20.25
C PRO A 301 -19.56 -3.74 19.07
N CYS A 302 -19.04 -4.15 17.91
CA CYS A 302 -19.90 -4.39 16.75
C CYS A 302 -20.75 -5.63 16.96
N LYS A 303 -22.00 -5.55 16.53
CA LYS A 303 -22.93 -6.67 16.67
C LYS A 303 -23.40 -7.18 15.32
N GLY A 304 -23.31 -6.33 14.30
CA GLY A 304 -23.73 -6.70 12.96
C GLY A 304 -22.73 -6.30 11.89
N LEU A 305 -23.00 -6.70 10.65
CA LEU A 305 -22.09 -6.44 9.55
C LEU A 305 -22.00 -4.94 9.21
N LYS A 306 -23.13 -4.26 9.32
CA LYS A 306 -23.17 -2.82 9.07
C LYS A 306 -22.31 -2.08 10.09
N ASP A 307 -22.38 -2.50 11.35
CA ASP A 307 -21.55 -1.94 12.39
C ASP A 307 -20.07 -2.18 12.10
N ALA A 308 -19.75 -3.41 11.71
CA ALA A 308 -18.37 -3.79 11.44
C ALA A 308 -17.76 -2.99 10.30
N MET A 309 -18.52 -2.84 9.22
CA MET A 309 -18.03 -2.14 8.05
C MET A 309 -17.81 -0.65 8.35
N GLN A 310 -18.66 -0.10 9.21
CA GLN A 310 -18.55 1.30 9.59
C GLN A 310 -17.38 1.51 10.55
N ALA A 311 -17.20 0.59 11.48
CA ALA A 311 -16.07 0.63 12.41
C ALA A 311 -14.76 0.55 11.66
N LYS A 312 -14.70 -0.38 10.71
CA LYS A 312 -13.49 -0.61 9.93
C LYS A 312 -13.10 0.63 9.13
N PHE A 313 -14.10 1.32 8.59
CA PHE A 313 -13.84 2.52 7.80
C PHE A 313 -13.40 3.68 8.70
N PHE A 314 -14.08 3.84 9.83
CA PHE A 314 -13.69 4.83 10.82
C PHE A 314 -12.25 4.62 11.26
N THR A 315 -11.94 3.38 11.62
CA THR A 315 -10.60 3.01 12.05
C THR A 315 -9.58 3.24 10.95
N PHE A 316 -9.98 2.97 9.71
CA PHE A 316 -9.11 3.21 8.56
C PHE A 316 -8.78 4.69 8.42
N LEU A 317 -9.78 5.54 8.62
CA LEU A 317 -9.60 6.98 8.48
C LEU A 317 -8.60 7.52 9.50
N ILE A 318 -8.69 7.05 10.73
CA ILE A 318 -7.80 7.52 11.79
C ILE A 318 -6.37 7.05 11.54
N CYS A 319 -6.21 5.76 11.29
CA CYS A 319 -4.89 5.16 11.21
C CYS A 319 -4.15 5.49 9.91
N HIS A 320 -4.89 5.77 8.84
CA HIS A 320 -4.28 5.98 7.54
C HIS A 320 -4.34 7.44 7.05
N ALA A 321 -5.08 8.29 7.76
CA ALA A 321 -5.28 9.66 7.28
C ALA A 321 -5.23 10.73 8.36
N ILE A 322 -6.04 10.56 9.40
CA ILE A 322 -6.24 11.63 10.38
C ILE A 322 -5.14 11.70 11.45
N GLU A 323 -4.87 10.59 12.13
CA GLU A 323 -3.81 10.56 13.12
C GLU A 323 -2.45 10.68 12.45
N ARG A 324 -2.30 10.01 11.32
CA ARG A 324 -1.07 10.05 10.54
C ARG A 324 -1.35 9.54 9.12
N TYR A 325 -0.58 10.01 8.14
CA TYR A 325 -0.68 9.42 6.82
C TYR A 325 -0.05 8.04 6.80
N ALA A 326 -0.72 7.11 6.14
CA ALA A 326 -0.20 5.76 5.98
C ALA A 326 -0.79 5.13 4.72
N SER A 327 0.03 5.03 3.68
CA SER A 327 -0.40 4.38 2.45
C SER A 327 -0.74 2.92 2.71
N GLY A 328 -1.75 2.42 2.01
CA GLY A 328 -2.13 1.02 2.15
C GLY A 328 -3.55 0.82 2.62
N TYR A 329 -3.94 -0.45 2.69
CA TYR A 329 -5.27 -0.84 3.12
C TYR A 329 -5.17 -2.27 3.67
N ALA A 330 -4.02 -2.57 4.26
CA ALA A 330 -3.71 -3.90 4.76
C ALA A 330 -4.74 -4.38 5.77
N GLN A 331 -5.27 -5.58 5.52
CA GLN A 331 -6.28 -6.20 6.37
C GLN A 331 -6.62 -7.58 5.83
N LYS A 332 -7.06 -8.46 6.72
CA LYS A 332 -7.62 -9.74 6.30
C LYS A 332 -9.13 -9.63 6.33
N GLU A 333 -9.69 -8.99 5.31
CA GLU A 333 -11.07 -8.51 5.37
C GLU A 333 -12.11 -9.61 5.54
N ASP A 334 -11.95 -10.73 4.85
CA ASP A 334 -12.91 -11.82 4.94
C ASP A 334 -12.93 -12.41 6.34
N THR A 335 -11.76 -12.73 6.87
CA THR A 335 -11.64 -13.30 8.21
C THR A 335 -12.05 -12.29 9.28
N LEU A 336 -11.77 -11.02 9.01
CA LEU A 336 -12.06 -9.94 9.94
C LEU A 336 -13.55 -9.67 10.07
N LEU A 337 -14.24 -9.65 8.93
CA LEU A 337 -15.66 -9.30 8.91
C LEU A 337 -16.58 -10.51 9.07
N TRP A 338 -16.02 -11.71 8.91
CA TRP A 338 -16.81 -12.95 8.96
C TRP A 338 -17.72 -13.11 10.19
N PRO A 339 -17.22 -12.84 11.42
CA PRO A 339 -18.12 -13.02 12.56
C PRO A 339 -19.33 -12.10 12.51
N TYR A 340 -19.23 -11.00 11.77
CA TYR A 340 -20.30 -10.02 11.70
C TYR A 340 -21.16 -10.26 10.46
N TYR A 341 -20.54 -10.86 9.43
CA TYR A 341 -21.29 -11.36 8.29
C TYR A 341 -22.19 -12.50 8.77
N LYS A 342 -21.65 -13.34 9.64
CA LYS A 342 -22.37 -14.49 10.16
C LYS A 342 -23.55 -14.07 11.02
N ALA A 343 -23.33 -13.06 11.86
CA ALA A 343 -24.38 -12.56 12.75
C ALA A 343 -25.50 -11.90 11.96
N SER A 344 -25.14 -11.29 10.82
CA SER A 344 -26.09 -10.53 10.02
C SER A 344 -26.76 -11.40 8.95
N VAL A 345 -25.95 -12.02 8.10
CA VAL A 345 -26.47 -12.78 6.97
C VAL A 345 -26.87 -14.20 7.36
N VAL A 346 -25.94 -14.92 7.98
CA VAL A 346 -26.12 -16.34 8.27
C VAL A 346 -27.13 -16.59 9.40
N ASP A 347 -26.88 -16.00 10.56
CA ASP A 347 -27.72 -16.25 11.74
C ASP A 347 -28.82 -15.20 11.89
N LYS A 348 -28.61 -14.04 11.26
CA LYS A 348 -29.57 -12.94 11.30
C LYS A 348 -29.94 -12.53 12.73
N LYS A 349 -28.94 -12.51 13.60
CA LYS A 349 -29.14 -12.14 15.01
C LYS A 349 -29.28 -10.62 15.17
N PHE A 350 -28.45 -9.88 14.44
CA PHE A 350 -28.49 -8.43 14.49
C PHE A 350 -28.20 -7.87 13.10
N GLN A 351 -28.94 -6.82 12.73
CA GLN A 351 -28.87 -6.25 11.39
C GLN A 351 -29.02 -7.34 10.33
N PRO A 352 -30.22 -7.94 10.22
CA PRO A 352 -30.45 -9.05 9.28
C PRO A 352 -30.26 -8.63 7.83
N MET A 353 -29.38 -9.34 7.12
CA MET A 353 -29.06 -9.01 5.74
C MET A 353 -29.08 -10.25 4.85
N SER A 354 -29.26 -10.02 3.55
CA SER A 354 -29.08 -11.07 2.57
C SER A 354 -27.63 -11.04 2.10
N HIS A 355 -27.21 -12.04 1.32
CA HIS A 355 -25.85 -12.05 0.80
C HIS A 355 -25.62 -10.89 -0.15
N MET A 356 -26.65 -10.52 -0.90
CA MET A 356 -26.56 -9.40 -1.82
C MET A 356 -26.42 -8.08 -1.09
N ASP A 357 -27.04 -7.99 0.08
CA ASP A 357 -26.91 -6.80 0.92
C ASP A 357 -25.46 -6.61 1.32
N ALA A 358 -24.78 -7.72 1.59
CA ALA A 358 -23.36 -7.70 1.92
C ALA A 358 -22.54 -7.31 0.70
N VAL A 359 -22.98 -7.77 -0.47
CA VAL A 359 -22.28 -7.46 -1.71
C VAL A 359 -22.37 -5.96 -2.01
N GLU A 360 -23.56 -5.40 -1.83
CA GLU A 360 -23.77 -3.97 -2.01
C GLU A 360 -22.93 -3.16 -1.04
N LEU A 361 -22.84 -3.63 0.19
CA LEU A 361 -22.10 -2.93 1.24
C LEU A 361 -20.61 -2.86 0.91
N VAL A 362 -20.06 -3.96 0.40
CA VAL A 362 -18.66 -4.00 0.00
C VAL A 362 -18.46 -3.13 -1.25
N GLU A 363 -19.44 -3.12 -2.13
CA GLU A 363 -19.42 -2.22 -3.29
C GLU A 363 -19.27 -0.78 -2.84
N MET A 364 -20.06 -0.41 -1.84
CA MET A 364 -20.03 0.95 -1.30
C MET A 364 -18.70 1.25 -0.62
N GLU A 365 -18.09 0.22 -0.05
CA GLU A 365 -16.78 0.39 0.59
C GLU A 365 -15.72 0.73 -0.46
N ARG A 366 -15.73 -0.02 -1.56
CA ARG A 366 -14.79 0.20 -2.65
C ARG A 366 -14.91 1.61 -3.21
N LEU A 367 -16.12 2.16 -3.14
CA LEU A 367 -16.39 3.50 -3.66
C LEU A 367 -15.90 4.57 -2.69
N LYS A 368 -16.06 4.34 -1.40
CA LYS A 368 -15.55 5.25 -0.38
C LYS A 368 -14.03 5.34 -0.47
N ILE A 369 -13.39 4.20 -0.72
CA ILE A 369 -11.95 4.14 -0.91
C ILE A 369 -11.56 4.88 -2.19
N SER A 370 -12.39 4.73 -3.22
CA SER A 370 -12.17 5.42 -4.49
C SER A 370 -12.28 6.94 -4.32
N GLU A 371 -13.01 7.37 -3.28
CA GLU A 371 -13.19 8.79 -3.01
C GLU A 371 -12.20 9.30 -1.96
N HIS A 372 -11.41 8.39 -1.40
CA HIS A 372 -10.45 8.76 -0.36
C HIS A 372 -9.26 9.51 -0.94
N GLY A 373 -9.25 10.83 -0.78
CA GLY A 373 -8.15 11.65 -1.24
C GLY A 373 -6.93 11.48 -0.36
N ALA A 374 -5.82 11.08 -0.98
CA ALA A 374 -4.59 10.83 -0.24
C ALA A 374 -3.68 12.06 -0.23
N GLY A 375 -3.27 12.47 0.96
CA GLY A 375 -2.38 13.61 1.12
C GLY A 375 -0.92 13.24 0.93
N LYS A 376 -0.66 12.32 0.00
CA LYS A 376 0.69 11.88 -0.29
C LYS A 376 1.41 12.89 -1.19
N SER A 377 2.73 12.87 -1.15
CA SER A 377 3.54 13.81 -1.93
C SER A 377 3.39 13.59 -3.43
N ARG A 378 3.82 14.57 -4.22
CA ARG A 378 3.74 14.51 -5.67
C ARG A 378 4.65 13.43 -6.23
N ALA A 379 5.80 13.23 -5.60
CA ALA A 379 6.79 12.29 -6.08
C ALA A 379 6.28 10.85 -6.08
N TYR A 380 5.30 10.58 -5.23
CA TYR A 380 4.72 9.24 -5.14
C TYR A 380 3.39 9.15 -5.89
N ARG A 381 3.09 10.18 -6.68
CA ARG A 381 1.93 10.15 -7.56
C ARG A 381 2.38 9.91 -8.99
N GLU A 382 3.69 10.05 -9.23
CA GLU A 382 4.26 9.88 -10.55
C GLU A 382 4.61 8.42 -10.82
N ILE A 383 5.06 7.73 -9.78
CA ILE A 383 5.45 6.33 -9.89
C ILE A 383 4.24 5.44 -10.14
N PHE A 384 3.07 5.92 -9.73
CA PHE A 384 1.83 5.19 -9.94
C PHE A 384 0.82 6.03 -10.70
N PRO A 385 1.03 6.17 -12.02
CA PRO A 385 0.15 7.00 -12.87
C PRO A 385 -1.25 6.42 -13.00
N GLY A 386 -2.26 7.28 -12.90
CA GLY A 386 -3.64 6.87 -13.07
C GLY A 386 -4.27 6.32 -11.81
N SER A 387 -3.56 6.45 -10.69
CA SER A 387 -4.04 5.90 -9.42
C SER A 387 -4.17 6.96 -8.34
N ASN A 388 -5.01 6.69 -7.36
CA ASN A 388 -5.16 7.54 -6.19
C ASN A 388 -4.08 7.22 -5.17
N ASP A 389 -4.09 5.99 -4.68
CA ASP A 389 -3.08 5.50 -3.74
C ASP A 389 -3.12 3.98 -3.75
N LEU A 390 -2.08 3.36 -3.21
CA LEU A 390 -2.04 1.90 -3.17
C LEU A 390 -2.88 1.35 -2.03
N PHE A 391 -4.06 0.84 -2.36
CA PHE A 391 -4.93 0.20 -1.37
C PHE A 391 -5.02 -1.31 -1.65
N ILE A 392 -4.37 -2.11 -0.83
CA ILE A 392 -4.32 -3.56 -1.05
C ILE A 392 -4.83 -4.35 0.14
N LEU A 393 -5.96 -5.02 -0.04
CA LEU A 393 -6.51 -5.88 1.02
C LEU A 393 -6.26 -7.35 0.69
N THR A 394 -6.27 -8.20 1.72
CA THR A 394 -5.95 -9.61 1.55
C THR A 394 -7.11 -10.52 1.98
N VAL A 395 -7.41 -11.52 1.16
CA VAL A 395 -8.44 -12.51 1.48
C VAL A 395 -7.92 -13.93 1.23
N GLY A 396 -8.71 -14.92 1.64
CA GLY A 396 -8.39 -16.31 1.39
C GLY A 396 -7.47 -16.91 2.43
N GLY A 397 -6.48 -17.68 1.98
CA GLY A 397 -5.48 -18.24 2.86
C GLY A 397 -5.99 -19.34 3.77
N THR A 398 -5.28 -19.55 4.87
CA THR A 398 -5.61 -20.60 5.81
C THR A 398 -5.73 -20.06 7.24
N ASN A 399 -6.42 -20.79 8.10
CA ASN A 399 -6.55 -20.39 9.50
C ASN A 399 -5.43 -20.98 10.35
N ALA A 400 -5.58 -20.90 11.66
CA ALA A 400 -4.55 -21.31 12.61
C ALA A 400 -4.20 -22.79 12.49
N LYS A 401 -5.17 -23.61 12.09
CA LYS A 401 -4.97 -25.05 12.01
C LYS A 401 -4.55 -25.49 10.62
N GLY A 402 -4.26 -24.52 9.75
CA GLY A 402 -3.85 -24.83 8.40
C GLY A 402 -5.01 -25.17 7.48
N GLU A 403 -6.23 -25.12 8.03
CA GLU A 403 -7.43 -25.41 7.26
C GLU A 403 -7.87 -24.21 6.41
N ASP A 404 -8.78 -24.45 5.48
CA ASP A 404 -9.25 -23.41 4.56
C ASP A 404 -9.90 -22.25 5.31
N ALA A 405 -9.54 -21.03 4.92
CA ALA A 405 -10.07 -19.84 5.56
C ALA A 405 -11.15 -19.16 4.72
N CYS A 406 -11.28 -19.60 3.47
CA CYS A 406 -12.28 -19.05 2.56
C CYS A 406 -13.70 -19.25 3.10
N ASN A 407 -14.53 -18.23 2.91
CA ASN A 407 -15.94 -18.29 3.31
C ASN A 407 -16.81 -17.45 2.39
N ASP A 408 -18.08 -17.28 2.76
CA ASP A 408 -19.01 -16.53 1.92
C ASP A 408 -18.73 -15.03 1.97
N MET A 409 -18.07 -14.56 3.01
CA MET A 409 -17.68 -13.17 3.09
C MET A 409 -16.57 -12.90 2.06
N THR A 410 -15.72 -13.90 1.85
CA THR A 410 -14.69 -13.82 0.84
C THR A 410 -15.31 -13.62 -0.53
N ASP A 411 -16.31 -14.45 -0.83
CA ASP A 411 -17.02 -14.40 -2.10
C ASP A 411 -17.73 -13.08 -2.30
N ALA A 412 -18.34 -12.56 -1.23
CA ALA A 412 -19.03 -11.28 -1.27
C ALA A 412 -18.07 -10.15 -1.64
N ILE A 413 -16.87 -10.20 -1.05
CA ILE A 413 -15.81 -9.25 -1.37
C ILE A 413 -15.43 -9.33 -2.84
N LEU A 414 -15.23 -10.56 -3.32
CA LEU A 414 -14.81 -10.77 -4.70
C LEU A 414 -15.91 -10.43 -5.71
N GLU A 415 -17.16 -10.74 -5.38
CA GLU A 415 -18.26 -10.43 -6.28
C GLU A 415 -18.45 -8.92 -6.42
N ALA A 416 -18.33 -8.21 -5.30
CA ALA A 416 -18.48 -6.77 -5.29
C ALA A 416 -17.41 -6.10 -6.15
N ALA A 417 -16.21 -6.69 -6.16
CA ALA A 417 -15.13 -6.18 -6.99
C ALA A 417 -15.46 -6.35 -8.47
N LYS A 418 -15.95 -7.53 -8.83
CA LYS A 418 -16.33 -7.82 -10.21
C LYS A 418 -17.49 -6.95 -10.68
N ARG A 419 -18.45 -6.72 -9.78
CA ARG A 419 -19.63 -5.95 -10.12
C ARG A 419 -19.33 -4.46 -10.32
N ILE A 420 -18.71 -3.84 -9.32
CA ILE A 420 -18.53 -2.38 -9.33
C ILE A 420 -17.39 -1.95 -10.25
N ARG A 421 -16.44 -2.86 -10.47
CA ARG A 421 -15.28 -2.60 -11.33
C ARG A 421 -14.57 -1.28 -11.04
N THR A 422 -13.95 -1.19 -9.86
CA THR A 422 -13.11 -0.05 -9.53
C THR A 422 -11.66 -0.50 -9.49
N ALA A 423 -10.76 0.37 -9.96
CA ALA A 423 -9.34 0.05 -9.98
C ALA A 423 -8.79 -0.12 -8.57
N GLU A 424 -9.43 0.54 -7.61
CA GLU A 424 -9.01 0.47 -6.22
C GLU A 424 -10.22 0.18 -5.33
N PRO A 425 -10.01 -0.59 -4.25
CA PRO A 425 -8.74 -1.18 -3.81
C PRO A 425 -8.39 -2.48 -4.53
N SER A 426 -7.10 -2.76 -4.66
CA SER A 426 -6.64 -4.02 -5.21
C SER A 426 -6.76 -5.12 -4.18
N ILE A 427 -6.77 -6.38 -4.63
CA ILE A 427 -6.93 -7.50 -3.73
C ILE A 427 -5.79 -8.51 -3.85
N VAL A 428 -5.34 -9.02 -2.72
CA VAL A 428 -4.38 -10.13 -2.71
C VAL A 428 -5.07 -11.38 -2.18
N PHE A 429 -5.01 -12.46 -2.97
CA PHE A 429 -5.57 -13.73 -2.54
C PHE A 429 -4.46 -14.70 -2.16
N ARG A 430 -4.44 -15.08 -0.89
CA ARG A 430 -3.50 -16.10 -0.42
C ARG A 430 -3.97 -17.47 -0.85
N TYR A 431 -3.26 -18.08 -1.81
CA TYR A 431 -3.68 -19.36 -2.36
C TYR A 431 -3.08 -20.56 -1.63
N SER A 432 -3.97 -21.45 -1.19
CA SER A 432 -3.58 -22.75 -0.66
C SER A 432 -4.39 -23.80 -1.39
N LYS A 433 -3.89 -25.03 -1.43
CA LYS A 433 -4.65 -26.12 -2.06
C LYS A 433 -5.84 -26.51 -1.20
N LYS A 434 -5.88 -25.98 0.01
CA LYS A 434 -7.01 -26.19 0.91
C LYS A 434 -8.19 -25.33 0.49
N ASN A 435 -7.93 -24.28 -0.30
CA ASN A 435 -8.99 -23.34 -0.69
C ASN A 435 -10.09 -24.01 -1.51
N ARG A 436 -11.32 -23.83 -1.07
CA ARG A 436 -12.48 -24.41 -1.75
C ARG A 436 -12.63 -23.85 -3.16
N GLU A 437 -13.28 -24.62 -4.02
CA GLU A 437 -13.40 -24.25 -5.43
C GLU A 437 -14.36 -23.08 -5.66
N LYS A 438 -15.40 -23.00 -4.82
CA LYS A 438 -16.43 -21.98 -4.99
C LYS A 438 -15.84 -20.57 -4.88
N THR A 439 -14.90 -20.39 -3.97
CA THR A 439 -14.25 -19.10 -3.80
C THR A 439 -13.25 -18.85 -4.92
N LEU A 440 -12.54 -19.90 -5.32
CA LEU A 440 -11.57 -19.81 -6.41
C LEU A 440 -12.22 -19.35 -7.71
N ARG A 441 -13.46 -19.77 -7.92
CA ARG A 441 -14.20 -19.37 -9.11
C ARG A 441 -14.49 -17.88 -9.10
N TRP A 442 -14.78 -17.35 -7.91
CA TRP A 442 -14.99 -15.92 -7.76
C TRP A 442 -13.70 -15.15 -8.02
N VAL A 443 -12.58 -15.73 -7.60
CA VAL A 443 -11.27 -15.16 -7.88
C VAL A 443 -11.05 -15.08 -9.37
N PHE A 444 -11.43 -16.14 -10.07
CA PHE A 444 -11.26 -16.24 -11.52
C PHE A 444 -12.14 -15.23 -12.24
N GLU A 445 -13.33 -14.97 -11.70
CA GLU A 445 -14.27 -14.04 -12.31
C GLU A 445 -13.72 -12.62 -12.39
N CYS A 446 -12.97 -12.22 -11.36
CA CYS A 446 -12.36 -10.90 -11.34
C CYS A 446 -11.18 -10.84 -12.31
N ILE A 447 -10.44 -11.93 -12.39
CA ILE A 447 -9.27 -11.99 -13.27
C ILE A 447 -9.69 -12.06 -14.74
N ARG A 448 -10.71 -12.86 -15.04
CA ARG A 448 -11.19 -13.03 -16.40
C ARG A 448 -11.81 -11.75 -16.94
N ASP A 449 -12.20 -10.87 -16.03
CA ASP A 449 -12.75 -9.57 -16.40
C ASP A 449 -11.62 -8.54 -16.55
N GLY A 450 -10.38 -9.02 -16.48
CA GLY A 450 -9.22 -8.20 -16.72
C GLY A 450 -8.94 -7.13 -15.67
N LEU A 451 -9.46 -7.34 -14.47
CA LEU A 451 -9.28 -6.38 -13.38
C LEU A 451 -7.83 -6.29 -12.93
N GLY A 452 -7.07 -7.36 -13.15
CA GLY A 452 -5.68 -7.41 -12.74
C GLY A 452 -5.53 -7.94 -11.33
N TYR A 453 -6.64 -8.03 -10.62
CA TYR A 453 -6.67 -8.56 -9.26
C TYR A 453 -7.87 -9.51 -9.13
N PRO A 454 -7.85 -10.41 -8.14
CA PRO A 454 -6.86 -10.64 -7.08
C PRO A 454 -5.54 -11.20 -7.60
N SER A 455 -4.44 -10.62 -7.14
CA SER A 455 -3.13 -11.20 -7.37
C SER A 455 -2.97 -12.38 -6.43
N ILE A 456 -2.10 -13.32 -6.78
CA ILE A 456 -2.00 -14.56 -6.03
C ILE A 456 -0.69 -14.69 -5.27
N LYS A 457 -0.79 -14.78 -3.94
CA LYS A 457 0.37 -14.99 -3.08
C LYS A 457 0.42 -16.42 -2.56
N HIS A 458 1.63 -16.95 -2.41
CA HIS A 458 1.81 -18.31 -1.89
C HIS A 458 1.56 -18.31 -0.38
N ASP A 459 0.53 -19.03 0.05
CA ASP A 459 0.11 -19.03 1.44
C ASP A 459 1.19 -19.56 2.40
N GLU A 460 1.73 -20.74 2.09
CA GLU A 460 2.71 -21.38 2.96
C GLU A 460 4.02 -20.60 3.05
N ILE A 461 4.45 -20.04 1.92
CA ILE A 461 5.67 -19.24 1.87
C ILE A 461 5.59 -18.05 2.82
N GLY A 462 4.47 -17.34 2.78
CA GLY A 462 4.27 -16.20 3.65
C GLY A 462 4.14 -16.59 5.11
N THR A 463 3.49 -17.71 5.37
CA THR A 463 3.30 -18.20 6.73
C THR A 463 4.63 -18.56 7.37
N GLU A 464 5.52 -19.16 6.59
CA GLU A 464 6.84 -19.56 7.08
C GLU A 464 7.69 -18.34 7.38
N GLN A 465 7.51 -17.29 6.59
CA GLN A 465 8.25 -16.05 6.78
C GLN A 465 7.83 -15.32 8.05
N MET A 466 6.62 -15.62 8.53
CA MET A 466 6.15 -15.07 9.80
C MET A 466 6.75 -15.82 10.96
N LYS A 467 6.95 -17.12 10.78
CA LYS A 467 7.57 -17.96 11.81
C LYS A 467 9.04 -17.63 11.99
N GLU A 468 9.71 -17.36 10.87
CA GLU A 468 11.14 -17.05 10.88
C GLU A 468 11.42 -15.74 11.62
N TYR A 469 10.63 -14.71 11.30
CA TYR A 469 10.78 -13.40 11.95
C TYR A 469 10.41 -13.46 13.42
N ALA A 470 9.53 -14.38 13.78
CA ALA A 470 9.03 -14.51 15.14
C ALA A 470 10.14 -14.88 16.12
N LYS A 471 11.19 -15.50 15.60
CA LYS A 471 12.30 -15.97 16.43
C LYS A 471 13.15 -14.83 16.96
N PHE A 472 13.12 -13.69 16.26
CA PHE A 472 13.97 -12.56 16.61
C PHE A 472 13.27 -11.55 17.51
N SER A 473 12.12 -11.94 18.07
CA SER A 473 11.35 -11.06 18.93
C SER A 473 12.15 -10.66 20.18
N LEU A 474 12.26 -9.37 20.42
CA LEU A 474 13.03 -8.85 21.54
C LEU A 474 12.42 -9.20 22.89
N ASN A 475 11.10 -9.25 22.96
CA ASN A 475 10.42 -9.61 24.20
C ASN A 475 9.95 -11.06 24.18
N GLY A 476 10.42 -11.81 23.18
CA GLY A 476 10.08 -13.21 23.05
C GLY A 476 8.60 -13.46 22.83
N ASN A 477 7.91 -12.46 22.27
CA ASN A 477 6.49 -12.57 22.01
C ASN A 477 6.16 -12.36 20.53
N GLY A 478 6.89 -13.03 19.66
CA GLY A 478 6.60 -12.99 18.25
C GLY A 478 5.34 -13.79 17.95
N ALA A 479 4.97 -13.87 16.67
CA ALA A 479 3.80 -14.63 16.29
C ALA A 479 4.02 -16.13 16.54
N THR A 480 3.02 -16.77 17.13
CA THR A 480 3.08 -18.22 17.33
C THR A 480 2.91 -18.92 15.99
N ASP A 481 3.00 -20.25 15.99
CA ASP A 481 2.83 -21.02 14.77
C ASP A 481 1.40 -20.88 14.25
N GLU A 482 0.45 -20.71 15.17
CA GLU A 482 -0.95 -20.49 14.80
C GLU A 482 -1.16 -19.07 14.29
N GLU A 483 -0.50 -18.10 14.93
CA GLU A 483 -0.62 -16.70 14.56
C GLU A 483 0.06 -16.39 13.24
N ALA A 484 1.01 -17.24 12.85
CA ALA A 484 1.75 -17.06 11.61
C ALA A 484 0.85 -17.18 10.39
N HIS A 485 -0.25 -17.91 10.53
CA HIS A 485 -1.22 -18.05 9.46
C HIS A 485 -2.03 -16.77 9.27
N ASN A 486 -2.01 -15.92 10.29
CA ASN A 486 -2.74 -14.66 10.24
C ASN A 486 -1.90 -13.54 9.63
N TRP A 487 -1.59 -13.65 8.35
CA TRP A 487 -0.78 -12.64 7.69
C TRP A 487 -1.48 -12.02 6.49
N VAL A 488 -1.09 -10.80 6.16
CA VAL A 488 -1.64 -10.05 5.04
C VAL A 488 -0.52 -9.31 4.31
N ASN A 489 -0.81 -8.83 3.11
CA ASN A 489 0.13 -7.95 2.43
C ASN A 489 0.10 -6.55 3.06
N VAL A 490 1.26 -6.09 3.53
CA VAL A 490 1.38 -4.76 4.10
C VAL A 490 1.07 -3.72 3.03
N LEU A 491 1.76 -3.84 1.90
CA LEU A 491 1.45 -3.04 0.73
C LEU A 491 1.27 -3.94 -0.48
N CYS A 492 2.23 -3.87 -1.41
CA CYS A 492 2.09 -4.58 -2.67
C CYS A 492 2.71 -5.98 -2.65
N MET A 493 3.77 -6.15 -1.86
CA MET A 493 4.62 -7.32 -2.00
C MET A 493 4.87 -8.10 -0.70
N SER A 494 4.96 -7.39 0.41
CA SER A 494 5.45 -7.99 1.65
C SER A 494 4.33 -8.47 2.57
N PRO A 495 4.57 -9.62 3.24
CA PRO A 495 3.65 -10.21 4.20
C PRO A 495 3.79 -9.59 5.60
N GLY A 496 2.74 -9.66 6.40
CA GLY A 496 2.74 -9.07 7.72
C GLY A 496 1.57 -9.53 8.57
N ILE A 497 1.81 -9.74 9.86
CA ILE A 497 0.80 -10.24 10.79
C ILE A 497 -0.37 -9.26 10.93
N HIS A 498 -1.59 -9.79 10.89
CA HIS A 498 -2.77 -9.01 11.22
C HIS A 498 -3.38 -9.52 12.51
N GLY A 499 -4.25 -8.72 13.13
CA GLY A 499 -4.91 -9.12 14.36
C GLY A 499 -4.90 -8.05 15.43
N ARG A 500 -5.15 -8.46 16.67
CA ARG A 500 -5.24 -7.53 17.79
C ARG A 500 -3.87 -7.09 18.32
N ARG A 501 -2.81 -7.70 17.80
CA ARG A 501 -1.48 -7.49 18.36
C ARG A 501 -0.37 -7.87 17.37
N LYS A 502 0.83 -7.37 17.62
CA LYS A 502 2.03 -7.74 16.86
C LYS A 502 1.99 -7.32 15.40
N THR A 503 1.10 -6.40 15.06
CA THR A 503 0.99 -5.90 13.69
C THR A 503 2.01 -4.81 13.43
N GLN A 504 2.42 -4.67 12.17
CA GLN A 504 3.38 -3.63 11.79
C GLN A 504 2.72 -2.26 11.90
N LYS A 505 3.41 -1.32 12.53
CA LYS A 505 2.84 -0.02 12.83
C LYS A 505 3.41 1.11 11.96
N THR A 506 4.51 0.84 11.27
CA THR A 506 5.19 1.87 10.51
C THR A 506 6.00 1.32 9.34
N ARG A 507 6.20 2.16 8.32
CA ARG A 507 7.01 1.78 7.17
C ARG A 507 8.48 1.71 7.56
N SER A 508 8.84 2.38 8.67
CA SER A 508 10.19 2.33 9.19
C SER A 508 10.63 0.90 9.51
N GLU A 509 9.68 0.07 9.90
CA GLU A 509 9.94 -1.34 10.18
C GLU A 509 10.31 -2.10 8.92
N GLY A 510 9.49 -1.94 7.88
CA GLY A 510 9.70 -2.66 6.63
C GLY A 510 9.17 -1.91 5.43
N GLY A 511 10.00 -1.82 4.38
CA GLY A 511 9.63 -1.08 3.18
C GLY A 511 10.78 -0.23 2.68
N GLY A 512 10.74 0.12 1.41
CA GLY A 512 11.82 0.89 0.80
C GLY A 512 12.45 0.09 -0.33
N SER A 513 13.18 0.77 -1.20
CA SER A 513 13.75 0.12 -2.37
C SER A 513 15.22 0.45 -2.60
N ILE A 514 15.92 -0.49 -3.24
CA ILE A 514 17.30 -0.29 -3.66
C ILE A 514 17.44 -0.85 -5.08
N PHE A 515 18.31 -0.24 -5.88
CA PHE A 515 18.38 -0.59 -7.30
C PHE A 515 19.77 -1.00 -7.76
N PRO A 516 20.08 -2.30 -7.67
CA PRO A 516 21.37 -2.90 -8.06
C PRO A 516 21.83 -2.52 -9.47
N ALA A 517 20.89 -2.26 -10.37
CA ALA A 517 21.23 -1.86 -11.73
C ALA A 517 21.98 -0.53 -11.72
N LYS A 518 21.57 0.37 -10.84
CA LYS A 518 22.21 1.66 -10.70
C LYS A 518 23.55 1.50 -9.97
N LEU A 519 23.60 0.59 -9.02
CA LEU A 519 24.82 0.32 -8.27
C LEU A 519 25.91 -0.26 -9.17
N LEU A 520 25.50 -1.06 -10.15
CA LEU A 520 26.45 -1.67 -11.09
C LEU A 520 26.95 -0.64 -12.09
N GLU A 521 26.06 0.23 -12.54
CA GLU A 521 26.40 1.25 -13.52
C GLU A 521 27.46 2.20 -12.98
N ILE A 522 27.31 2.60 -11.73
CA ILE A 522 28.26 3.52 -11.10
C ILE A 522 29.51 2.79 -10.63
N SER A 523 29.44 1.46 -10.58
CA SER A 523 30.59 0.64 -10.23
C SER A 523 31.62 0.65 -11.34
N LEU A 524 31.19 1.01 -12.54
CA LEU A 524 32.07 1.10 -13.69
C LEU A 524 32.42 2.55 -14.00
N ASN A 525 32.23 3.42 -13.02
CA ASN A 525 32.53 4.84 -13.18
C ASN A 525 32.98 5.48 -11.87
N ASP A 526 33.64 4.68 -11.02
CA ASP A 526 34.20 5.15 -9.76
C ASP A 526 33.13 5.77 -8.85
N GLY A 527 31.95 5.16 -8.83
CA GLY A 527 30.87 5.62 -7.98
C GLY A 527 30.17 6.86 -8.49
N TYR A 528 30.51 7.27 -9.71
CA TYR A 528 29.92 8.48 -10.30
C TYR A 528 28.79 8.11 -11.25
N ASP A 529 27.62 8.70 -11.01
CA ASP A 529 26.47 8.49 -11.88
C ASP A 529 26.45 9.54 -12.98
N TRP A 530 26.87 9.14 -14.18
CA TRP A 530 26.98 10.06 -15.30
C TRP A 530 25.68 10.18 -16.10
N SER A 531 24.88 9.12 -16.04
CA SER A 531 23.68 9.02 -16.89
C SER A 531 22.52 9.87 -16.39
N TYR A 532 22.25 9.82 -15.09
CA TYR A 532 21.07 10.49 -14.54
C TYR A 532 21.41 11.73 -13.72
N ALA A 533 21.86 11.52 -12.48
CA ALA A 533 22.06 12.62 -11.55
C ALA A 533 23.23 13.52 -11.93
N ASP A 534 24.14 12.99 -12.75
CA ASP A 534 25.34 13.71 -13.17
C ASP A 534 26.13 14.16 -11.94
N MET A 535 26.39 13.22 -11.04
CA MET A 535 27.11 13.53 -9.80
C MET A 535 27.70 12.26 -9.18
N GLN A 536 28.46 12.43 -8.10
CA GLN A 536 29.03 11.31 -7.37
C GLN A 536 27.95 10.61 -6.55
N LEU A 537 27.54 9.42 -6.99
CA LEU A 537 26.42 8.72 -6.38
C LEU A 537 26.89 7.71 -5.33
N GLY A 538 28.12 7.21 -5.49
CA GLY A 538 28.66 6.25 -4.55
C GLY A 538 30.10 6.57 -4.18
N PRO A 539 30.71 5.71 -3.34
CA PRO A 539 32.10 5.89 -2.94
C PRO A 539 33.08 5.64 -4.07
N LYS A 540 34.22 6.32 -4.04
CA LYS A 540 35.27 6.10 -5.04
C LYS A 540 35.90 4.74 -4.85
N THR A 541 35.26 3.71 -5.41
CA THR A 541 35.72 2.34 -5.27
C THR A 541 36.90 2.03 -6.18
N GLY A 542 37.18 2.95 -7.11
CA GLY A 542 38.28 2.76 -8.03
C GLY A 542 37.88 3.04 -9.48
N ASP A 543 38.86 3.36 -10.31
CA ASP A 543 38.60 3.62 -11.72
C ASP A 543 38.63 2.34 -12.54
N LEU A 544 38.57 2.48 -13.85
CA LEU A 544 38.55 1.34 -14.76
C LEU A 544 39.91 0.65 -14.84
N SER A 545 40.97 1.43 -14.68
CA SER A 545 42.32 0.90 -14.75
C SER A 545 42.70 0.11 -13.50
N SER A 546 42.23 0.56 -12.34
CA SER A 546 42.51 -0.12 -11.07
C SER A 546 41.92 -1.51 -11.07
N LEU A 547 40.78 -1.64 -11.75
CA LEU A 547 40.06 -2.89 -11.89
C LEU A 547 40.77 -3.77 -12.90
N LYS A 548 41.54 -4.74 -12.40
CA LYS A 548 42.37 -5.57 -13.28
C LYS A 548 41.83 -7.00 -13.44
N SER A 549 40.96 -7.40 -12.51
CA SER A 549 40.39 -8.74 -12.54
C SER A 549 38.89 -8.72 -12.23
N PHE A 550 38.20 -9.79 -12.60
CA PHE A 550 36.76 -9.89 -12.37
C PHE A 550 36.42 -9.88 -10.89
N GLU A 551 37.36 -10.31 -10.06
CA GLU A 551 37.15 -10.29 -8.62
C GLU A 551 37.09 -8.87 -8.08
N ASP A 552 37.66 -7.92 -8.84
CA ASP A 552 37.68 -6.52 -8.44
C ASP A 552 36.34 -5.82 -8.74
N VAL A 553 35.70 -6.22 -9.84
CA VAL A 553 34.40 -5.63 -10.20
C VAL A 553 33.29 -6.23 -9.34
N TRP A 554 33.58 -7.39 -8.76
CA TRP A 554 32.66 -8.06 -7.87
C TRP A 554 32.72 -7.41 -6.49
N GLU A 555 33.90 -6.89 -6.14
CA GLU A 555 34.10 -6.20 -4.87
C GLU A 555 33.76 -4.72 -5.00
N ALA A 556 33.87 -4.19 -6.22
CA ALA A 556 33.50 -2.81 -6.48
C ALA A 556 31.99 -2.64 -6.29
N PHE A 557 31.24 -3.57 -6.87
CA PHE A 557 29.79 -3.57 -6.71
C PHE A 557 29.39 -3.85 -5.27
N ARG A 558 30.18 -4.68 -4.60
CA ARG A 558 29.92 -5.05 -3.21
C ARG A 558 29.94 -3.83 -2.31
N LYS A 559 31.00 -3.04 -2.42
CA LYS A 559 31.15 -1.84 -1.59
C LYS A 559 30.06 -0.81 -1.93
N GLN A 560 29.67 -0.75 -3.20
CA GLN A 560 28.61 0.13 -3.63
C GLN A 560 27.28 -0.30 -3.03
N TYR A 561 27.03 -1.60 -3.03
CA TYR A 561 25.80 -2.16 -2.48
C TYR A 561 25.77 -2.03 -0.96
N GLN A 562 26.89 -2.33 -0.32
CA GLN A 562 27.01 -2.23 1.14
C GLN A 562 26.74 -0.82 1.63
N TYR A 563 27.36 0.15 0.98
CA TYR A 563 27.19 1.56 1.33
C TYR A 563 25.75 2.01 1.15
N ALA A 564 25.12 1.55 0.08
CA ALA A 564 23.76 1.95 -0.25
C ALA A 564 22.74 1.35 0.71
N ILE A 565 22.83 0.05 0.94
CA ILE A 565 21.87 -0.65 1.79
C ILE A 565 21.99 -0.21 3.24
N ASN A 566 23.18 0.23 3.63
CA ASN A 566 23.41 0.68 4.99
C ASN A 566 22.65 1.97 5.26
N LEU A 567 22.68 2.89 4.31
CA LEU A 567 21.92 4.13 4.40
C LEU A 567 20.41 3.86 4.38
N CYS A 568 20.00 2.88 3.60
CA CYS A 568 18.59 2.56 3.45
C CYS A 568 17.96 2.10 4.77
N ILE A 569 18.70 1.32 5.55
CA ILE A 569 18.16 0.77 6.79
C ILE A 569 18.41 1.70 7.98
N SER A 570 19.56 2.37 7.97
CA SER A 570 19.89 3.28 9.06
C SER A 570 18.93 4.46 9.11
N THR A 571 18.54 4.95 7.95
CA THR A 571 17.61 6.08 7.87
C THR A 571 16.23 5.71 8.37
N LYS A 572 15.86 4.44 8.23
CA LYS A 572 14.56 3.98 8.70
C LYS A 572 14.55 3.79 10.21
N ASP A 573 15.67 3.31 10.75
CA ASP A 573 15.80 3.10 12.19
C ASP A 573 15.90 4.43 12.93
N VAL A 574 16.62 5.38 12.33
CA VAL A 574 16.71 6.72 12.90
C VAL A 574 15.34 7.37 12.93
N SER A 575 14.58 7.18 11.85
CA SER A 575 13.21 7.65 11.77
C SER A 575 12.37 7.01 12.88
N ARG A 576 12.54 5.71 13.05
CA ARG A 576 11.83 4.95 14.08
C ARG A 576 12.13 5.52 15.48
N TYR A 577 13.36 5.98 15.66
CA TYR A 577 13.82 6.55 16.92
C TYR A 577 13.01 7.79 17.29
N PHE A 578 12.76 8.65 16.31
CA PHE A 578 12.06 9.91 16.57
C PHE A 578 10.56 9.79 16.38
N GLU A 579 10.12 8.75 15.69
CA GLU A 579 8.69 8.51 15.51
C GLU A 579 8.03 8.17 16.84
N GLN A 580 8.71 7.36 17.65
CA GLN A 580 8.15 6.95 18.94
C GLN A 580 8.31 8.03 20.00
N ARG A 581 9.13 9.03 19.70
CA ARG A 581 9.44 10.08 20.68
C ARG A 581 8.67 11.38 20.42
N PHE A 582 8.32 11.63 19.16
CA PHE A 582 7.64 12.88 18.82
C PHE A 582 6.42 12.67 17.93
N LEU A 583 6.33 11.51 17.30
CA LEU A 583 5.20 11.21 16.42
C LEU A 583 4.37 10.04 16.96
N GLN A 584 4.15 10.03 18.27
CA GLN A 584 3.38 8.96 18.90
C GLN A 584 2.00 8.81 18.28
N MET A 585 1.51 7.58 18.23
CA MET A 585 0.18 7.30 17.73
C MET A 585 -0.67 6.63 18.81
N PRO A 586 -1.18 7.44 19.77
CA PRO A 586 -1.93 6.93 20.92
C PRO A 586 -3.20 6.14 20.55
N PHE A 587 -3.82 6.44 19.41
CA PHE A 587 -5.00 5.68 19.02
C PHE A 587 -4.63 4.26 18.61
N VAL A 588 -3.68 4.15 17.69
CA VAL A 588 -3.18 2.85 17.25
C VAL A 588 -2.69 2.06 18.46
N SER A 589 -2.01 2.75 19.37
CA SER A 589 -1.52 2.15 20.61
C SER A 589 -2.66 1.63 21.47
N ALA A 590 -3.79 2.35 21.44
CA ALA A 590 -4.94 1.99 22.26
C ALA A 590 -5.63 0.73 21.78
N ILE A 591 -5.60 0.48 20.48
CA ILE A 591 -6.26 -0.68 19.91
C ILE A 591 -5.29 -1.84 19.70
N ASP A 592 -4.11 -1.74 20.29
CA ASP A 592 -3.16 -2.84 20.27
C ASP A 592 -3.05 -3.45 21.66
N ASP A 593 -3.27 -4.75 21.76
CA ASP A 593 -3.23 -5.45 23.04
C ASP A 593 -1.84 -5.36 23.68
N GLY A 594 -0.81 -5.37 22.85
CA GLY A 594 0.55 -5.24 23.34
C GLY A 594 0.82 -3.89 23.97
N CYS A 595 0.49 -2.83 23.23
CA CYS A 595 0.72 -1.47 23.70
C CYS A 595 -0.14 -1.15 24.93
N MET A 596 -1.38 -1.58 24.91
CA MET A 596 -2.31 -1.35 26.01
C MET A 596 -1.83 -2.06 27.29
N GLU A 597 -1.24 -3.23 27.12
CA GLU A 597 -0.77 -4.04 28.24
C GLU A 597 0.51 -3.50 28.85
N LEU A 598 1.40 -3.03 27.99
CA LEU A 598 2.74 -2.61 28.40
C LEU A 598 2.87 -1.09 28.55
N GLY A 599 1.82 -0.37 28.16
CA GLY A 599 1.82 1.07 28.26
C GLY A 599 2.88 1.72 27.38
N MET A 600 3.04 1.21 26.17
CA MET A 600 4.05 1.71 25.25
C MET A 600 3.41 2.23 23.97
N ASP A 601 4.17 3.02 23.21
CA ASP A 601 3.67 3.55 21.95
C ASP A 601 3.80 2.50 20.85
N ALA A 602 2.93 2.60 19.84
CA ALA A 602 2.91 1.64 18.74
C ALA A 602 4.26 1.57 18.02
N CYS A 603 4.92 2.71 17.89
CA CYS A 603 6.21 2.77 17.21
C CYS A 603 7.34 2.28 18.12
N ALA A 604 7.13 2.35 19.43
CA ALA A 604 8.13 1.91 20.38
C ALA A 604 8.13 0.39 20.53
N LEU A 605 6.96 -0.17 20.83
CA LEU A 605 6.82 -1.61 20.98
C LEU A 605 6.83 -2.30 19.61
N SER A 606 7.74 -3.25 19.44
CA SER A 606 7.83 -4.01 18.20
C SER A 606 8.01 -5.50 18.51
N GLU A 607 6.90 -6.19 18.73
CA GLU A 607 6.93 -7.58 19.15
C GLU A 607 7.21 -8.55 18.00
N GLN A 608 6.67 -8.24 16.83
CA GLN A 608 6.88 -9.08 15.64
C GLN A 608 7.70 -8.35 14.59
N PRO A 609 8.99 -8.71 14.49
CA PRO A 609 9.89 -8.13 13.48
C PRO A 609 9.40 -8.38 12.06
N ASN A 610 9.63 -7.42 11.16
CA ASN A 610 9.23 -7.57 9.76
C ASN A 610 10.05 -6.65 8.87
N GLY A 611 11.38 -6.72 9.01
CA GLY A 611 12.27 -5.85 8.29
C GLY A 611 12.53 -6.31 6.86
N TRP A 612 11.75 -5.76 5.93
CA TRP A 612 11.94 -6.05 4.51
C TRP A 612 12.52 -4.83 3.79
N HIS A 613 13.06 -5.06 2.61
CA HIS A 613 13.50 -3.99 1.73
C HIS A 613 13.53 -4.55 0.31
N ASN A 614 13.25 -3.70 -0.69
CA ASN A 614 12.98 -4.19 -2.04
C ASN A 614 14.13 -3.97 -3.03
N PRO A 615 14.81 -5.06 -3.42
CA PRO A 615 15.80 -5.01 -4.51
C PRO A 615 15.12 -4.98 -5.88
N ILE A 616 15.02 -3.81 -6.48
CA ILE A 616 14.39 -3.67 -7.79
C ILE A 616 15.45 -3.55 -8.88
N THR A 617 15.16 -4.11 -10.05
CA THR A 617 16.10 -4.20 -11.17
C THR A 617 17.33 -5.00 -10.79
N THR A 618 17.11 -6.12 -10.12
CA THR A 618 18.19 -6.99 -9.70
C THR A 618 18.69 -7.85 -10.86
N ILE A 619 17.75 -8.38 -11.63
CA ILE A 619 18.08 -9.25 -12.76
C ILE A 619 18.87 -8.50 -13.83
N VAL A 620 18.54 -7.22 -14.00
CA VAL A 620 19.23 -6.37 -14.98
C VAL A 620 20.72 -6.27 -14.68
N ALA A 621 21.05 -6.06 -13.41
CA ALA A 621 22.45 -5.98 -12.98
C ALA A 621 23.07 -7.37 -12.93
N ALA A 622 22.24 -8.39 -12.75
CA ALA A 622 22.70 -9.76 -12.68
C ALA A 622 23.18 -10.26 -14.04
N ASN A 623 22.35 -10.06 -15.06
CA ASN A 623 22.70 -10.47 -16.42
C ASN A 623 23.91 -9.72 -16.97
N SER A 624 24.01 -8.44 -16.59
CA SER A 624 25.10 -7.60 -17.06
C SER A 624 26.46 -8.09 -16.59
N LEU A 625 26.52 -8.60 -15.37
CA LEU A 625 27.77 -9.08 -14.79
C LEU A 625 28.32 -10.31 -15.52
N VAL A 626 27.43 -11.15 -16.01
CA VAL A 626 27.82 -12.34 -16.74
C VAL A 626 28.51 -11.96 -18.05
N ALA A 627 27.94 -10.97 -18.73
CA ALA A 627 28.49 -10.49 -20.00
C ALA A 627 29.84 -9.80 -19.79
N ILE A 628 30.07 -9.29 -18.59
CA ILE A 628 31.33 -8.62 -18.27
C ILE A 628 32.44 -9.63 -18.03
N LYS A 629 32.15 -10.67 -17.25
CA LYS A 629 33.15 -11.68 -16.90
C LYS A 629 33.67 -12.42 -18.12
N LYS A 630 32.78 -12.76 -19.04
CA LYS A 630 33.12 -13.61 -20.18
C LYS A 630 33.78 -12.84 -21.32
N LEU A 631 33.24 -11.65 -21.62
CA LEU A 631 33.70 -10.89 -22.78
C LEU A 631 34.90 -10.01 -22.49
N VAL A 632 35.11 -9.65 -21.23
CA VAL A 632 36.17 -8.73 -20.88
C VAL A 632 37.35 -9.42 -20.18
N PHE A 633 37.06 -10.31 -19.24
CA PHE A 633 38.11 -10.91 -18.42
C PHE A 633 38.49 -12.33 -18.83
N GLU A 634 37.56 -13.03 -19.45
CA GLU A 634 37.82 -14.40 -19.86
C GLU A 634 38.31 -14.47 -21.30
N GLU A 635 37.58 -13.85 -22.20
CA GLU A 635 37.92 -13.88 -23.63
C GLU A 635 38.74 -12.68 -24.05
N LYS A 636 38.72 -11.63 -23.22
CA LYS A 636 39.43 -10.38 -23.49
C LYS A 636 39.06 -9.78 -24.85
N LYS A 637 37.81 -9.94 -25.26
CA LYS A 637 37.35 -9.38 -26.52
C LYS A 637 37.32 -7.87 -26.48
N TYR A 638 36.86 -7.32 -25.35
CA TYR A 638 36.80 -5.88 -25.16
C TYR A 638 37.35 -5.51 -23.79
N THR A 639 38.04 -4.38 -23.71
CA THR A 639 38.52 -3.88 -22.43
C THR A 639 37.42 -3.10 -21.73
N LEU A 640 37.62 -2.82 -20.44
CA LEU A 640 36.63 -2.10 -19.66
C LEU A 640 36.45 -0.66 -20.16
N GLU A 641 37.50 -0.13 -20.79
CA GLU A 641 37.47 1.23 -21.32
C GLU A 641 36.57 1.31 -22.55
N GLN A 642 36.64 0.30 -23.41
CA GLN A 642 35.80 0.25 -24.61
C GLN A 642 34.34 0.04 -24.26
N LEU A 643 34.10 -0.82 -23.26
CA LEU A 643 32.74 -1.08 -22.80
C LEU A 643 32.13 0.16 -22.18
N SER A 644 32.93 0.86 -21.38
CA SER A 644 32.50 2.12 -20.77
C SER A 644 32.25 3.17 -21.84
N GLN A 645 33.07 3.15 -22.89
CA GLN A 645 32.91 4.06 -24.01
C GLN A 645 31.64 3.73 -24.78
N ALA A 646 31.34 2.44 -24.88
CA ALA A 646 30.13 1.98 -25.58
C ALA A 646 28.88 2.38 -24.82
N LEU A 647 28.96 2.36 -23.49
CA LEU A 647 27.84 2.75 -22.65
C LEU A 647 27.60 4.25 -22.70
N LYS A 648 28.68 5.02 -22.54
CA LYS A 648 28.59 6.48 -22.53
C LYS A 648 28.18 7.03 -23.90
N ALA A 649 28.28 6.20 -24.92
CA ALA A 649 27.84 6.58 -26.27
C ALA A 649 26.41 6.13 -26.52
N ASN A 650 25.83 5.47 -25.52
CA ASN A 650 24.46 4.93 -25.61
C ASN A 650 24.30 4.01 -26.83
N TRP A 651 25.31 3.19 -27.06
CA TRP A 651 25.32 2.22 -28.17
C TRP A 651 25.13 2.88 -29.53
N GLU A 652 25.58 4.13 -29.67
CA GLU A 652 25.57 4.79 -30.97
C GLU A 652 26.49 4.04 -31.92
N GLY A 653 27.74 3.86 -31.49
CA GLY A 653 28.65 2.96 -32.16
C GLY A 653 28.60 1.62 -31.47
N PHE A 654 29.51 0.72 -31.84
CA PHE A 654 29.61 -0.61 -31.25
C PHE A 654 28.29 -1.38 -31.30
N GLU A 655 27.68 -1.43 -32.48
CA GLU A 655 26.42 -2.15 -32.66
C GLU A 655 26.65 -3.66 -32.63
N GLU A 656 27.72 -4.10 -33.28
CA GLU A 656 28.11 -5.50 -33.27
C GLU A 656 28.51 -5.91 -31.85
N MET A 657 28.94 -4.93 -31.07
CA MET A 657 29.32 -5.14 -29.68
C MET A 657 28.09 -5.25 -28.78
N ARG A 658 27.09 -4.43 -29.07
CA ARG A 658 25.87 -4.43 -28.28
C ARG A 658 25.11 -5.75 -28.40
N VAL A 659 24.94 -6.22 -29.63
CA VAL A 659 24.23 -7.46 -29.89
C VAL A 659 25.04 -8.66 -29.37
N ASP A 660 26.33 -8.44 -29.15
CA ASP A 660 27.20 -9.49 -28.63
C ASP A 660 27.05 -9.61 -27.12
N PHE A 661 26.82 -8.49 -26.44
CA PHE A 661 26.60 -8.48 -25.00
C PHE A 661 25.22 -9.03 -24.65
N LYS A 662 24.24 -8.77 -25.52
CA LYS A 662 22.91 -9.32 -25.33
C LYS A 662 22.94 -10.82 -25.63
N ARG A 663 23.83 -11.22 -26.53
CA ARG A 663 23.98 -12.62 -26.92
C ARG A 663 24.55 -13.46 -25.77
N ALA A 664 25.34 -12.81 -24.92
CA ALA A 664 25.94 -13.46 -23.76
C ALA A 664 24.90 -14.20 -22.93
N PRO A 665 25.29 -15.33 -22.30
CA PRO A 665 24.37 -16.17 -21.52
C PRO A 665 23.60 -15.39 -20.46
N LYS A 666 22.27 -15.48 -20.51
CA LYS A 666 21.42 -14.72 -19.60
C LYS A 666 20.75 -15.61 -18.56
N TRP A 667 19.91 -15.01 -17.73
CA TRP A 667 19.21 -15.73 -16.67
C TRP A 667 17.87 -16.27 -17.15
N GLY A 668 17.67 -17.57 -16.96
CA GLY A 668 16.44 -18.22 -17.38
C GLY A 668 16.64 -19.05 -18.63
N ASN A 669 17.89 -19.27 -19.00
CA ASN A 669 18.22 -20.07 -20.19
C ASN A 669 18.84 -21.41 -19.82
N ASP A 670 18.77 -21.75 -18.54
CA ASP A 670 19.36 -22.99 -18.00
C ASP A 670 20.84 -23.08 -18.35
N ASP A 671 21.51 -21.93 -18.32
CA ASP A 671 22.93 -21.87 -18.63
C ASP A 671 23.76 -21.96 -17.36
N ASP A 672 24.60 -22.99 -17.28
CA ASP A 672 25.42 -23.25 -16.10
C ASP A 672 26.36 -22.08 -15.80
N TYR A 673 26.93 -21.51 -16.85
CA TYR A 673 27.85 -20.38 -16.70
C TYR A 673 27.12 -19.13 -16.22
N ALA A 674 25.89 -18.95 -16.68
CA ALA A 674 25.11 -17.78 -16.32
C ALA A 674 24.43 -17.94 -14.97
N ASP A 675 23.74 -19.07 -14.79
CA ASP A 675 23.01 -19.33 -13.55
C ASP A 675 23.93 -19.50 -12.35
N GLY A 676 25.17 -19.92 -12.62
CA GLY A 676 26.14 -20.12 -11.57
C GLY A 676 26.63 -18.81 -10.97
N ILE A 677 26.56 -17.75 -11.75
CA ILE A 677 26.99 -16.43 -11.30
C ILE A 677 25.85 -15.71 -10.57
N ILE A 678 24.64 -15.79 -11.14
CA ILE A 678 23.46 -15.16 -10.54
C ILE A 678 23.17 -15.74 -9.16
N THR A 679 23.28 -17.06 -9.04
CA THR A 679 23.08 -17.74 -7.78
C THR A 679 24.04 -17.21 -6.72
N ARG A 680 25.31 -17.11 -7.09
CA ARG A 680 26.34 -16.56 -6.22
C ARG A 680 26.15 -15.06 -6.00
N PHE A 681 25.45 -14.42 -6.92
CA PHE A 681 25.20 -12.99 -6.84
C PHE A 681 24.07 -12.65 -5.87
N TYR A 682 23.11 -13.56 -5.77
CA TYR A 682 21.92 -13.32 -4.96
C TYR A 682 22.11 -13.74 -3.50
N GLU A 683 22.83 -14.84 -3.28
CA GLU A 683 22.97 -15.41 -1.94
C GLU A 683 24.12 -14.78 -1.16
N GLU A 684 25.05 -14.15 -1.86
CA GLU A 684 26.25 -13.60 -1.22
C GLU A 684 26.22 -12.08 -1.12
N ILE A 685 25.83 -11.41 -2.20
CA ILE A 685 25.84 -9.96 -2.25
C ILE A 685 24.46 -9.36 -1.96
N ILE A 686 23.50 -9.66 -2.82
CA ILE A 686 22.15 -9.08 -2.72
C ILE A 686 21.44 -9.49 -1.43
N GLY A 687 21.49 -10.78 -1.10
CA GLY A 687 20.82 -11.27 0.09
C GLY A 687 21.75 -11.47 1.26
N GLY A 688 23.01 -11.80 0.97
CA GLY A 688 23.99 -12.06 2.01
C GLY A 688 24.39 -10.82 2.79
N GLU A 689 24.89 -9.82 2.08
CA GLU A 689 25.33 -8.57 2.70
C GLU A 689 24.16 -7.84 3.37
N MET A 690 22.97 -8.06 2.84
CA MET A 690 21.76 -7.41 3.33
C MET A 690 21.25 -8.05 4.63
N ARG A 691 21.46 -9.36 4.75
CA ARG A 691 21.05 -10.09 5.95
C ARG A 691 21.92 -9.70 7.15
N LYS A 692 23.14 -9.22 6.88
CA LYS A 692 24.07 -8.83 7.93
C LYS A 692 23.55 -7.66 8.75
N ILE A 693 22.62 -6.89 8.19
CA ILE A 693 22.07 -5.73 8.86
C ILE A 693 20.91 -6.10 9.77
N THR A 694 20.95 -5.63 11.01
CA THR A 694 19.86 -5.82 11.96
C THR A 694 19.12 -4.51 12.17
N ASN A 695 17.79 -4.55 12.10
CA ASN A 695 17.00 -3.34 12.25
C ASN A 695 16.56 -3.11 13.69
N TYR A 696 15.66 -2.15 13.87
CA TYR A 696 15.19 -1.75 15.19
C TYR A 696 14.58 -2.89 16.00
N SER A 697 13.94 -3.83 15.31
CA SER A 697 13.18 -4.88 15.97
C SER A 697 14.04 -6.11 16.33
N GLY A 698 15.33 -6.03 16.07
CA GLY A 698 16.24 -7.12 16.41
C GLY A 698 16.20 -8.27 15.41
N GLY A 699 15.54 -8.05 14.29
CA GLY A 699 15.47 -9.05 13.24
C GLY A 699 16.34 -8.66 12.06
N PRO A 700 16.65 -9.64 11.18
CA PRO A 700 17.44 -9.35 9.99
C PRO A 700 16.62 -8.65 8.91
N VAL A 701 17.29 -8.02 7.97
CA VAL A 701 16.62 -7.36 6.86
C VAL A 701 16.72 -8.24 5.61
N MET A 702 15.60 -8.87 5.25
CA MET A 702 15.58 -9.80 4.13
C MET A 702 14.94 -9.21 2.89
N PRO A 703 15.46 -9.58 1.71
CA PRO A 703 15.02 -9.02 0.42
C PRO A 703 13.59 -9.37 0.02
N THR A 704 13.01 -8.58 -0.88
CA THR A 704 11.70 -8.87 -1.45
C THR A 704 11.76 -8.81 -2.97
N GLY A 705 11.69 -9.97 -3.62
CA GLY A 705 11.72 -10.02 -5.07
C GLY A 705 10.46 -9.45 -5.68
N GLN A 706 10.46 -8.13 -5.90
CA GLN A 706 9.30 -7.44 -6.44
C GLN A 706 9.61 -6.05 -6.98
N ALA A 707 8.64 -5.47 -7.68
CA ALA A 707 8.78 -4.16 -8.28
C ALA A 707 7.48 -3.37 -8.20
N VAL A 708 7.46 -2.36 -7.34
CA VAL A 708 6.24 -1.58 -7.09
C VAL A 708 6.20 -0.36 -8.04
N GLY A 709 6.10 -0.63 -9.34
CA GLY A 709 5.98 0.41 -10.34
C GLY A 709 7.17 1.33 -10.46
N LEU A 710 8.20 1.08 -9.66
CA LEU A 710 9.41 1.90 -9.69
C LEU A 710 10.19 1.72 -10.98
N TYR A 711 10.07 0.54 -11.58
CA TYR A 711 10.87 0.16 -12.75
C TYR A 711 10.61 1.07 -13.93
N MET A 712 9.39 1.61 -14.01
CA MET A 712 9.05 2.54 -15.08
C MET A 712 9.78 3.86 -14.91
N GLU A 713 9.93 4.29 -13.66
CA GLU A 713 10.61 5.54 -13.36
C GLU A 713 12.12 5.32 -13.25
N VAL A 714 12.52 4.33 -12.45
CA VAL A 714 13.93 4.01 -12.26
C VAL A 714 14.59 3.58 -13.57
N GLY A 715 13.82 2.90 -14.42
CA GLY A 715 14.30 2.50 -15.73
C GLY A 715 14.65 3.71 -16.58
N SER A 716 13.94 4.82 -16.36
CA SER A 716 14.24 6.07 -17.03
C SER A 716 15.30 6.84 -16.25
N ARG A 717 15.63 6.34 -15.06
CA ARG A 717 16.64 6.95 -14.22
C ARG A 717 17.95 6.17 -14.29
N THR A 718 17.91 4.98 -14.86
CA THR A 718 19.12 4.19 -15.05
C THR A 718 19.63 4.31 -16.48
N GLY A 719 20.95 4.26 -16.64
CA GLY A 719 21.55 4.39 -17.95
C GLY A 719 21.62 3.07 -18.69
N PRO A 720 22.33 3.05 -19.82
CA PRO A 720 22.51 1.83 -20.62
C PRO A 720 23.35 0.79 -19.88
N THR A 721 22.93 -0.46 -19.95
CA THR A 721 23.63 -1.54 -19.25
C THR A 721 24.08 -2.61 -20.23
N PRO A 722 25.21 -3.27 -19.92
CA PRO A 722 25.78 -4.34 -20.76
C PRO A 722 24.89 -5.56 -20.96
N ASP A 723 23.62 -5.48 -20.59
CA ASP A 723 22.68 -6.56 -20.83
C ASP A 723 22.00 -6.38 -22.20
N GLY A 724 22.30 -5.27 -22.85
CA GLY A 724 21.74 -4.98 -24.16
C GLY A 724 20.82 -3.77 -24.17
N ARG A 725 20.57 -3.20 -22.99
CA ARG A 725 19.67 -2.06 -22.86
C ARG A 725 20.30 -0.77 -23.37
N PHE A 726 19.46 0.08 -23.96
CA PHE A 726 19.88 1.43 -24.32
C PHE A 726 19.69 2.35 -23.12
N GLY A 727 19.97 3.64 -23.31
CA GLY A 727 19.86 4.61 -22.24
C GLY A 727 18.42 5.01 -21.96
N GLY A 728 17.89 4.53 -20.83
CA GLY A 728 16.54 4.87 -20.43
C GLY A 728 15.50 3.83 -20.81
N GLU A 729 15.91 2.81 -21.56
CA GLU A 729 15.00 1.75 -21.95
C GLU A 729 14.48 0.97 -20.73
N ALA A 730 13.22 1.24 -20.38
CA ALA A 730 12.62 0.69 -19.17
C ALA A 730 11.59 -0.39 -19.48
N ALA A 731 11.60 -1.51 -18.74
CA ALA A 731 12.62 -1.92 -17.76
C ALA A 731 12.63 -3.44 -17.60
N ASP A 732 12.78 -3.88 -16.35
CA ASP A 732 12.46 -5.25 -15.98
C ASP A 732 10.94 -5.35 -15.87
N ASP A 733 10.35 -6.44 -16.37
CA ASP A 733 8.90 -6.56 -16.37
C ASP A 733 8.34 -6.53 -14.95
N GLY A 734 9.05 -7.19 -14.04
CA GLY A 734 8.67 -7.24 -12.64
C GLY A 734 9.88 -7.26 -11.75
N GLY A 735 9.71 -7.73 -10.51
CA GLY A 735 10.82 -7.82 -9.58
C GLY A 735 11.67 -9.05 -9.85
N ILE A 736 11.09 -10.02 -10.53
CA ILE A 736 11.79 -11.24 -10.88
C ILE A 736 11.33 -11.71 -12.26
N SER A 737 10.31 -11.04 -12.78
CA SER A 737 9.78 -11.33 -14.12
C SER A 737 10.85 -11.09 -15.18
N PRO A 738 10.87 -11.94 -16.21
CA PRO A 738 11.86 -11.83 -17.29
C PRO A 738 11.72 -10.54 -18.08
N TYR A 739 12.81 -10.11 -18.70
CA TYR A 739 12.81 -8.89 -19.51
C TYR A 739 11.83 -9.03 -20.67
N MET A 740 11.24 -7.91 -21.09
CA MET A 740 10.23 -7.94 -22.14
C MET A 740 10.78 -8.43 -23.47
N GLY A 741 10.12 -9.43 -24.05
CA GLY A 741 10.53 -9.98 -25.32
C GLY A 741 11.75 -10.88 -25.22
N THR A 742 11.94 -11.51 -24.07
CA THR A 742 13.08 -12.40 -23.87
C THR A 742 12.63 -13.84 -23.60
N ASP A 743 11.42 -13.99 -23.06
CA ASP A 743 10.86 -15.33 -22.85
C ASP A 743 10.34 -15.89 -24.16
N LYS A 744 11.05 -16.88 -24.69
CA LYS A 744 10.74 -17.42 -26.02
C LYS A 744 10.45 -18.91 -26.00
N LYS A 745 10.20 -19.45 -24.81
CA LYS A 745 9.92 -20.88 -24.67
C LYS A 745 8.53 -21.12 -24.08
N GLY A 746 7.70 -20.08 -24.07
CA GLY A 746 6.34 -20.19 -23.59
C GLY A 746 6.16 -19.69 -22.16
N PRO A 747 4.91 -19.67 -21.68
CA PRO A 747 4.58 -19.23 -20.33
C PRO A 747 5.05 -20.20 -19.26
N THR A 748 5.22 -21.46 -19.63
CA THR A 748 5.68 -22.49 -18.69
C THR A 748 7.15 -22.29 -18.35
N ALA A 749 7.91 -21.74 -19.30
CA ALA A 749 9.34 -21.49 -19.08
C ALA A 749 9.55 -20.33 -18.12
N VAL A 750 8.61 -19.39 -18.13
CA VAL A 750 8.64 -18.27 -17.21
C VAL A 750 8.47 -18.78 -15.78
N LEU A 751 7.68 -19.83 -15.63
CA LEU A 751 7.49 -20.50 -14.35
C LEU A 751 8.78 -21.21 -13.93
N ARG A 752 9.54 -21.69 -14.91
CA ARG A 752 10.78 -22.40 -14.65
C ARG A 752 11.88 -21.47 -14.18
N SER A 753 11.86 -20.23 -14.68
CA SER A 753 12.90 -19.26 -14.38
C SER A 753 12.76 -18.68 -12.97
N VAL A 754 11.53 -18.30 -12.60
CA VAL A 754 11.27 -17.68 -11.32
C VAL A 754 11.49 -18.65 -10.16
N SER A 755 11.14 -19.91 -10.37
CA SER A 755 11.24 -20.93 -9.33
C SER A 755 12.67 -21.24 -8.93
N LYS A 756 13.63 -20.75 -9.70
CA LYS A 756 15.04 -20.97 -9.41
C LYS A 756 15.48 -20.23 -8.15
N VAL A 757 14.91 -19.05 -7.93
CA VAL A 757 15.23 -18.25 -6.76
C VAL A 757 14.48 -18.75 -5.52
N GLN A 758 15.21 -19.36 -4.60
CA GLN A 758 14.61 -19.92 -3.40
C GLN A 758 15.29 -19.39 -2.14
N LYS A 759 16.48 -18.83 -2.31
CA LYS A 759 17.25 -18.32 -1.18
C LYS A 759 17.20 -16.78 -1.13
N LEU A 765 7.61 -11.39 -7.76
CA LEU A 765 6.45 -10.90 -8.47
C LEU A 765 6.46 -11.40 -9.92
N LEU A 766 5.37 -12.03 -10.33
CA LEU A 766 5.26 -12.58 -11.67
C LEU A 766 4.08 -12.00 -12.44
N ASN A 767 4.38 -11.22 -13.49
CA ASN A 767 3.35 -10.68 -14.35
C ASN A 767 3.13 -11.57 -15.56
N GLN A 768 1.87 -11.90 -15.83
CA GLN A 768 1.54 -12.80 -16.93
C GLN A 768 0.29 -12.33 -17.68
N ARG A 769 0.31 -12.46 -18.99
CA ARG A 769 -0.83 -12.06 -19.81
C ARG A 769 -1.48 -13.28 -20.47
N LEU A 770 -2.77 -13.46 -20.23
CA LEU A 770 -3.50 -14.60 -20.77
C LEU A 770 -4.44 -14.17 -21.89
N SER A 771 -4.73 -15.10 -22.80
CA SER A 771 -5.56 -14.79 -23.98
C SER A 771 -7.03 -14.67 -23.61
N VAL A 772 -7.65 -13.58 -24.06
CA VAL A 772 -9.05 -13.29 -23.77
C VAL A 772 -10.06 -14.39 -24.17
N PRO A 773 -9.97 -14.94 -25.39
CA PRO A 773 -11.01 -15.90 -25.79
C PRO A 773 -11.10 -17.15 -24.89
N ILE A 774 -9.96 -17.72 -24.52
CA ILE A 774 -9.96 -18.94 -23.72
C ILE A 774 -10.39 -18.68 -22.28
N MET A 775 -10.33 -17.41 -21.87
CA MET A 775 -10.64 -17.04 -20.49
C MET A 775 -12.12 -16.67 -20.34
N ARG A 776 -12.72 -16.17 -21.42
CA ARG A 776 -14.13 -15.80 -21.40
C ARG A 776 -15.02 -17.00 -21.73
N SER A 777 -14.39 -18.16 -21.95
CA SER A 777 -15.13 -19.37 -22.28
C SER A 777 -15.49 -20.17 -21.03
N LYS A 778 -16.18 -21.28 -21.23
CA LYS A 778 -16.59 -22.14 -20.12
C LYS A 778 -15.46 -23.06 -19.68
N HIS A 779 -14.38 -23.09 -20.46
CA HIS A 779 -13.22 -23.90 -20.13
C HIS A 779 -12.13 -23.04 -19.49
N GLY A 780 -12.46 -21.78 -19.24
CA GLY A 780 -11.50 -20.84 -18.71
C GLY A 780 -11.01 -21.17 -17.31
N PHE A 781 -11.93 -21.49 -16.41
CA PHE A 781 -11.59 -21.74 -15.02
C PHE A 781 -10.67 -22.93 -14.83
N GLU A 782 -10.94 -24.02 -15.55
CA GLU A 782 -10.18 -25.25 -15.40
C GLU A 782 -8.72 -25.05 -15.81
N ILE A 783 -8.50 -24.30 -16.88
CA ILE A 783 -7.15 -24.02 -17.36
C ILE A 783 -6.43 -23.10 -16.39
N TRP A 784 -7.12 -22.08 -15.91
CA TRP A 784 -6.55 -21.13 -14.96
C TRP A 784 -6.20 -21.81 -13.64
N ASN A 785 -7.13 -22.62 -13.13
CA ASN A 785 -6.92 -23.33 -11.88
C ASN A 785 -5.73 -24.28 -11.96
N SER A 786 -5.59 -24.95 -13.10
CA SER A 786 -4.48 -25.87 -13.33
C SER A 786 -3.15 -25.13 -13.29
N TYR A 787 -3.15 -23.90 -13.79
CA TYR A 787 -1.95 -23.05 -13.77
C TYR A 787 -1.59 -22.68 -12.33
N ILE A 788 -2.60 -22.32 -11.55
CA ILE A 788 -2.39 -21.89 -10.18
C ILE A 788 -1.84 -23.02 -9.31
N LYS A 789 -2.39 -24.22 -9.50
CA LYS A 789 -1.94 -25.39 -8.76
C LYS A 789 -0.48 -25.70 -9.05
N THR A 790 -0.08 -25.52 -10.31
CA THR A 790 1.31 -25.73 -10.71
C THR A 790 2.19 -24.62 -10.16
N TRP A 791 1.70 -23.39 -10.27
CA TRP A 791 2.40 -22.22 -9.73
C TRP A 791 2.70 -22.38 -8.24
N HIS A 792 1.77 -23.00 -7.52
CA HIS A 792 1.92 -23.19 -6.08
C HIS A 792 2.96 -24.27 -5.78
N ASP A 793 3.03 -25.27 -6.65
CA ASP A 793 3.95 -26.38 -6.46
C ASP A 793 5.38 -25.99 -6.81
N LEU A 794 5.53 -24.96 -7.63
CA LEU A 794 6.84 -24.47 -8.02
C LEU A 794 7.39 -23.47 -7.00
N ASN A 795 6.64 -23.30 -5.91
CA ASN A 795 7.03 -22.40 -4.82
C ASN A 795 7.33 -20.98 -5.27
N ILE A 796 6.56 -20.48 -6.23
CA ILE A 796 6.67 -19.08 -6.65
C ILE A 796 5.86 -18.23 -5.68
N ASP A 797 6.43 -17.10 -5.27
CA ASP A 797 5.83 -16.27 -4.23
C ASP A 797 4.59 -15.52 -4.70
N HIS A 798 4.68 -14.88 -5.86
CA HIS A 798 3.61 -14.01 -6.31
C HIS A 798 3.33 -14.17 -7.80
N VAL A 799 2.10 -13.86 -8.21
CA VAL A 799 1.73 -13.86 -9.62
C VAL A 799 0.44 -13.05 -9.85
N GLN A 800 0.44 -12.26 -10.92
CA GLN A 800 -0.75 -11.49 -11.29
C GLN A 800 -1.03 -11.66 -12.77
N PHE A 801 -2.29 -11.50 -13.16
CA PHE A 801 -2.70 -11.80 -14.53
C PHE A 801 -3.34 -10.63 -15.26
N ASN A 802 -3.02 -10.50 -16.55
CA ASN A 802 -3.60 -9.47 -17.39
C ASN A 802 -4.42 -10.08 -18.52
N VAL A 803 -5.73 -9.86 -18.48
CA VAL A 803 -6.62 -10.40 -19.51
C VAL A 803 -7.29 -9.27 -20.28
N VAL A 804 -6.63 -8.80 -21.33
CA VAL A 804 -7.16 -7.72 -22.15
C VAL A 804 -6.54 -7.76 -23.55
N SER A 805 -7.38 -7.61 -24.57
CA SER A 805 -6.92 -7.62 -25.95
C SER A 805 -6.29 -6.29 -26.34
N THR A 806 -5.33 -6.35 -27.25
CA THR A 806 -4.63 -5.15 -27.72
C THR A 806 -5.59 -4.20 -28.44
N ASP A 807 -6.52 -4.77 -29.20
CA ASP A 807 -7.47 -3.99 -29.98
C ASP A 807 -8.31 -3.06 -29.10
N GLU A 808 -8.70 -3.55 -27.92
CA GLU A 808 -9.52 -2.76 -27.01
C GLU A 808 -8.73 -1.61 -26.42
N MET A 809 -7.44 -1.84 -26.17
CA MET A 809 -6.56 -0.80 -25.65
C MET A 809 -6.31 0.27 -26.72
N ARG A 810 -6.13 -0.18 -27.97
CA ARG A 810 -5.94 0.73 -29.09
C ARG A 810 -7.20 1.57 -29.31
N ALA A 811 -8.36 0.93 -29.16
CA ALA A 811 -9.64 1.61 -29.31
C ALA A 811 -9.84 2.62 -28.17
N ALA A 812 -9.26 2.32 -27.02
CA ALA A 812 -9.34 3.21 -25.87
C ALA A 812 -8.45 4.43 -26.07
N GLN A 813 -7.40 4.27 -26.87
CA GLN A 813 -6.50 5.37 -27.18
C GLN A 813 -7.15 6.33 -28.18
N ARG A 814 -7.87 5.77 -29.15
CA ARG A 814 -8.52 6.57 -30.18
C ARG A 814 -9.76 7.27 -29.63
N GLU A 815 -10.62 6.52 -28.96
CA GLU A 815 -11.84 7.08 -28.39
C GLU A 815 -11.94 6.77 -26.90
N PRO A 816 -11.22 7.56 -26.07
CA PRO A 816 -11.16 7.36 -24.62
C PRO A 816 -12.50 7.55 -23.93
N GLU A 817 -13.35 8.42 -24.49
CA GLU A 817 -14.63 8.74 -23.88
C GLU A 817 -15.62 7.57 -23.99
N LYS A 818 -15.21 6.52 -24.70
CA LYS A 818 -16.06 5.34 -24.86
C LYS A 818 -15.46 4.12 -24.16
N HIS A 819 -14.36 4.33 -23.45
CA HIS A 819 -13.67 3.22 -22.77
C HIS A 819 -13.25 3.62 -21.36
N HIS A 820 -14.18 4.21 -20.61
CA HIS A 820 -13.89 4.68 -19.26
C HIS A 820 -13.76 3.54 -18.27
N ASP A 821 -14.42 2.42 -18.54
CA ASP A 821 -14.46 1.31 -17.60
C ASP A 821 -13.43 0.23 -17.89
N LEU A 822 -12.54 0.49 -18.86
CA LEU A 822 -11.47 -0.43 -19.17
C LEU A 822 -10.37 -0.35 -18.12
N ILE A 823 -10.16 -1.47 -17.41
CA ILE A 823 -9.15 -1.50 -16.35
C ILE A 823 -8.03 -2.47 -16.70
N VAL A 824 -6.79 -2.00 -16.56
CA VAL A 824 -5.62 -2.83 -16.84
C VAL A 824 -4.68 -2.90 -15.65
N ARG A 825 -3.82 -3.91 -15.64
CA ARG A 825 -2.84 -4.10 -14.58
C ARG A 825 -1.49 -3.52 -14.99
N VAL A 826 -1.04 -2.50 -14.26
CA VAL A 826 0.20 -1.82 -14.56
C VAL A 826 1.40 -2.55 -13.93
N SER A 827 1.52 -2.44 -12.60
CA SER A 827 2.60 -3.08 -11.88
C SER A 827 2.09 -3.87 -10.68
N GLY A 828 2.05 -3.22 -9.52
CA GLY A 828 1.53 -3.84 -8.32
C GLY A 828 0.12 -3.35 -8.03
N TYR A 829 -0.45 -2.62 -8.98
CA TYR A 829 -1.79 -2.06 -8.83
C TYR A 829 -2.52 -2.03 -10.16
N SER A 830 -3.83 -1.79 -10.11
CA SER A 830 -4.65 -1.67 -11.31
C SER A 830 -5.10 -0.22 -11.52
N ALA A 831 -5.37 0.14 -12.77
CA ALA A 831 -5.79 1.49 -13.09
C ALA A 831 -6.63 1.54 -14.36
N ARG A 832 -7.43 2.58 -14.50
CA ARG A 832 -8.20 2.78 -15.73
C ARG A 832 -7.26 3.14 -16.87
N PHE A 833 -7.39 2.42 -17.98
CA PHE A 833 -6.48 2.57 -19.11
C PHE A 833 -6.48 3.97 -19.71
N VAL A 834 -7.65 4.63 -19.70
CA VAL A 834 -7.77 5.96 -20.28
C VAL A 834 -7.21 7.04 -19.36
N ASP A 835 -7.03 6.69 -18.09
CA ASP A 835 -6.47 7.62 -17.12
C ASP A 835 -4.95 7.44 -17.03
N ILE A 836 -4.39 6.71 -17.98
CA ILE A 836 -2.96 6.50 -18.07
C ILE A 836 -2.41 7.26 -19.28
N PRO A 837 -1.30 8.00 -19.08
CA PRO A 837 -0.68 8.75 -20.17
C PRO A 837 -0.34 7.88 -21.38
N THR A 838 -0.36 8.47 -22.57
CA THR A 838 -0.12 7.75 -23.81
C THR A 838 1.22 7.01 -23.79
N TYR A 839 2.23 7.64 -23.18
CA TYR A 839 3.53 7.02 -23.03
C TYR A 839 3.45 5.78 -22.16
N GLY A 840 2.63 5.85 -21.12
CA GLY A 840 2.44 4.73 -20.21
C GLY A 840 1.58 3.63 -20.82
N GLN A 841 0.61 4.03 -21.62
CA GLN A 841 -0.28 3.08 -22.28
C GLN A 841 0.47 2.20 -23.27
N ASN A 842 1.29 2.83 -24.11
CA ASN A 842 2.04 2.10 -25.13
C ASN A 842 3.02 1.10 -24.53
N THR A 843 3.44 1.35 -23.30
CA THR A 843 4.36 0.46 -22.61
C THR A 843 3.67 -0.84 -22.22
N ILE A 844 2.43 -0.72 -21.75
CA ILE A 844 1.65 -1.87 -21.32
C ILE A 844 1.14 -2.67 -22.51
N ILE A 845 0.78 -1.97 -23.59
CA ILE A 845 0.28 -2.60 -24.80
C ILE A 845 1.33 -3.47 -25.48
N ALA A 846 2.56 -2.97 -25.51
CA ALA A 846 3.65 -3.61 -26.25
C ALA A 846 3.95 -5.03 -25.77
N ARG A 847 3.57 -5.35 -24.54
CA ARG A 847 3.83 -6.67 -23.98
C ARG A 847 3.05 -7.77 -24.72
N GLN A 848 3.75 -8.84 -25.07
CA GLN A 848 3.16 -9.92 -25.86
C GLN A 848 2.23 -10.80 -25.04
N GLU A 849 1.09 -11.16 -25.64
CA GLU A 849 0.13 -12.05 -25.00
C GLU A 849 0.55 -13.51 -25.14
N GLN A 850 0.77 -14.17 -24.01
CA GLN A 850 1.27 -15.54 -24.01
C GLN A 850 0.16 -16.56 -24.25
N ASP A 851 0.48 -17.61 -24.99
CA ASP A 851 -0.47 -18.68 -25.27
C ASP A 851 0.06 -20.01 -24.75
N PHE A 852 -0.84 -20.94 -24.46
CA PHE A 852 -0.46 -22.24 -23.92
C PHE A 852 -0.54 -23.34 -24.97
N SER A 853 0.56 -24.08 -25.13
CA SER A 853 0.62 -25.18 -26.08
C SER A 853 0.26 -26.50 -25.41
N ALA A 854 0.26 -27.58 -26.19
CA ALA A 854 -0.06 -28.90 -25.66
C ALA A 854 1.04 -29.38 -24.71
N SER A 855 2.26 -28.92 -24.94
CA SER A 855 3.39 -29.26 -24.09
C SER A 855 3.29 -28.56 -22.74
N ASP A 856 2.76 -27.35 -22.75
CA ASP A 856 2.56 -26.58 -21.53
C ASP A 856 1.48 -27.22 -20.65
N LEU A 857 0.42 -27.69 -21.30
CA LEU A 857 -0.72 -28.28 -20.59
C LEU A 857 -0.32 -29.58 -19.88
N GLU A 858 0.60 -30.33 -20.49
CA GLU A 858 1.08 -31.56 -19.88
C GLU A 858 1.96 -31.26 -18.66
N PHE A 859 2.68 -30.15 -18.73
CA PHE A 859 3.55 -29.72 -17.63
C PHE A 859 2.72 -29.23 -16.45
N LEU A 860 1.55 -28.68 -16.74
CA LEU A 860 0.66 -28.18 -15.69
C LEU A 860 -0.21 -29.28 -15.11
N ASN A 861 -0.11 -30.48 -15.70
CA ASN A 861 -0.92 -31.62 -15.33
C ASN A 861 -2.42 -31.32 -15.39
N VAL A 862 -2.87 -30.82 -16.54
CA VAL A 862 -4.26 -30.45 -16.73
C VAL A 862 -5.15 -31.67 -16.94
N GLU A 863 -6.45 -31.48 -16.82
CA GLU A 863 -7.42 -32.55 -17.02
C GLU A 863 -8.76 -31.98 -17.48
N ILE A 864 -9.05 -32.12 -18.77
CA ILE A 864 -10.29 -31.60 -19.33
C ILE A 864 -11.35 -32.69 -19.45
N CYS B 9 -27.32 29.54 3.47
CA CYS B 9 -27.32 28.10 3.66
C CYS B 9 -26.88 27.71 5.07
N ALA B 10 -26.35 28.68 5.81
CA ALA B 10 -25.86 28.45 7.16
C ALA B 10 -27.00 28.23 8.15
N ASN B 11 -27.14 26.99 8.62
CA ASN B 11 -28.14 26.66 9.62
C ASN B 11 -27.51 26.23 10.94
N PHE B 12 -27.87 26.91 12.01
CA PHE B 12 -27.33 26.63 13.34
C PHE B 12 -28.14 25.53 14.03
N PHE B 13 -27.44 24.50 14.50
CA PHE B 13 -28.07 23.43 15.26
C PHE B 13 -27.37 23.23 16.60
N PRO B 14 -27.99 23.71 17.69
CA PRO B 14 -27.45 23.62 19.05
C PRO B 14 -27.09 22.19 19.45
N VAL B 15 -25.88 22.01 19.96
CA VAL B 15 -25.43 20.70 20.42
C VAL B 15 -26.15 20.32 21.70
N PRO B 16 -26.77 19.13 21.72
CA PRO B 16 -27.49 18.61 22.89
C PRO B 16 -26.61 18.59 24.15
N LYS B 17 -27.24 18.80 25.30
CA LYS B 17 -26.51 18.92 26.56
C LYS B 17 -25.93 17.58 27.04
N ASP B 18 -26.37 16.49 26.42
CA ASP B 18 -25.90 15.16 26.81
C ASP B 18 -24.85 14.61 25.85
N ALA B 19 -24.50 15.40 24.84
CA ALA B 19 -23.51 15.00 23.86
C ALA B 19 -22.11 14.99 24.46
N ASP B 20 -21.26 14.10 23.96
CA ASP B 20 -19.88 13.98 24.43
C ASP B 20 -19.10 15.26 24.19
N ASP B 21 -19.45 15.96 23.12
CA ASP B 21 -18.71 17.17 22.73
C ASP B 21 -19.45 18.44 23.13
N TYR B 22 -20.41 18.31 24.04
CA TYR B 22 -21.23 19.46 24.43
C TYR B 22 -20.44 20.52 25.19
N GLU B 23 -20.55 21.76 24.72
CA GLU B 23 -19.97 22.91 25.41
C GLU B 23 -20.97 24.06 25.36
N ALA B 24 -20.77 25.05 26.23
CA ALA B 24 -21.69 26.18 26.33
C ALA B 24 -21.76 26.97 25.03
N GLY B 25 -22.97 27.15 24.52
CA GLY B 25 -23.19 27.92 23.31
C GLY B 25 -22.65 27.28 22.05
N LYS B 26 -22.38 25.97 22.12
CA LYS B 26 -21.85 25.24 20.98
C LYS B 26 -22.98 24.78 20.06
N ALA B 27 -22.71 24.76 18.77
CA ALA B 27 -23.73 24.36 17.79
C ALA B 27 -23.10 23.82 16.51
N ASP B 28 -23.89 23.04 15.77
CA ASP B 28 -23.46 22.54 14.47
C ASP B 28 -23.96 23.45 13.36
N CYS B 29 -23.04 23.97 12.56
CA CYS B 29 -23.43 24.77 11.40
C CYS B 29 -23.56 23.86 10.19
N VAL B 30 -24.78 23.37 9.95
CA VAL B 30 -25.03 22.47 8.83
C VAL B 30 -25.42 23.24 7.57
N ARG B 31 -24.62 23.10 6.52
CA ARG B 31 -24.90 23.75 5.26
C ARG B 31 -24.98 22.73 4.12
N GLU B 32 -26.03 22.82 3.32
CA GLU B 32 -26.19 21.93 2.17
C GLU B 32 -25.52 22.50 0.94
N LYS B 33 -24.71 21.70 0.28
CA LYS B 33 -24.03 22.12 -0.95
C LYS B 33 -24.25 21.09 -2.05
N GLU B 34 -23.96 21.48 -3.29
CA GLU B 34 -24.13 20.57 -4.43
C GLU B 34 -23.32 21.03 -5.63
N ASP B 35 -22.40 20.18 -6.07
CA ASP B 35 -21.60 20.46 -7.26
C ASP B 35 -22.03 19.57 -8.41
N GLU B 36 -21.14 19.41 -9.39
CA GLU B 36 -21.46 18.63 -10.59
C GLU B 36 -21.61 17.15 -10.29
N LYS B 37 -21.03 16.69 -9.18
CA LYS B 37 -21.07 15.28 -8.80
C LYS B 37 -22.38 14.93 -8.12
N GLY B 38 -22.73 15.67 -7.08
CA GLY B 38 -23.95 15.41 -6.34
C GLY B 38 -24.10 16.29 -5.11
N LYS B 39 -25.08 15.96 -4.27
CA LYS B 39 -25.38 16.75 -3.09
C LYS B 39 -24.69 16.19 -1.84
N TYR B 40 -24.27 17.08 -0.96
CA TYR B 40 -23.68 16.67 0.32
C TYR B 40 -23.91 17.73 1.40
N TRP B 41 -23.60 17.37 2.64
CA TRP B 41 -23.81 18.27 3.76
C TRP B 41 -22.55 18.43 4.60
N LEU B 42 -22.35 19.63 5.15
CA LEU B 42 -21.16 19.94 5.94
C LEU B 42 -21.55 20.40 7.34
N SER B 43 -20.94 19.77 8.35
CA SER B 43 -21.23 20.11 9.75
C SER B 43 -20.00 20.68 10.45
N LYS B 44 -20.03 21.99 10.72
CA LYS B 44 -18.91 22.67 11.36
C LYS B 44 -19.29 23.20 12.74
N PRO B 45 -18.51 22.83 13.76
CA PRO B 45 -18.74 23.29 15.13
C PRO B 45 -18.46 24.78 15.29
N ILE B 46 -19.47 25.54 15.74
CA ILE B 46 -19.32 26.98 15.94
C ILE B 46 -19.85 27.39 17.32
N PHE B 47 -19.29 28.44 17.90
CA PHE B 47 -19.67 28.89 19.23
C PHE B 47 -20.42 30.23 19.24
N GLU B 48 -21.73 30.16 19.01
CA GLU B 48 -22.63 31.32 19.10
C GLU B 48 -22.14 32.56 18.35
N ASN B 49 -21.66 32.36 17.13
CA ASN B 49 -21.18 33.43 16.27
C ASN B 49 -20.09 34.28 16.93
#